data_1H76
#
_entry.id   1H76
#
_cell.length_a   223.770
_cell.length_b   44.890
_cell.length_c   78.860
_cell.angle_alpha   90.00
_cell.angle_beta   105.39
_cell.angle_gamma   90.00
#
_symmetry.space_group_name_H-M   'C 1 2 1'
#
loop_
_entity.id
_entity.type
_entity.pdbx_description
1 polymer SEROTRANSFERRIN
2 non-polymer 'CARBONATE ION'
3 non-polymer 'FE (III) ION'
4 non-polymer 2-acetamido-2-deoxy-beta-D-glucopyranose
5 water water
#
_entity_poly.entity_id   1
_entity_poly.type   'polypeptide(L)'
_entity_poly.pdbx_seq_one_letter_code
;VAQKTVRWCTISNQEANKCSSFRENMSKAVKNGPLVSCVKKSSYLDCIKAIRDKEADAVTLDAGLVFEAGLAPYNLKPVV
AEFYGQKDNPQTHYYAVAVVKKGSNFQWNQLQGKRSCHTGLGRSAGWIIPMGLLYDQLPEPRKPIEKAVASFFSSSCVPC
ADPVNFPKLCQQCAGKGAEKCACSNHEPYFGYAGAFNCLKEDAGDVAFVKHSTVLENLPDKADRDQYELLCRDNTRRPVD
DYENCYLAQVPSHAVVARSVDGQEDSIWELLNQAQEHFGRDKSPDFQLFSSSHGKDLLFKDSANGFLKIPSKMDSSLYLG
YQYVTALRNLREEISPDSSKNECKKVRWCAIGHEETQKCDAWSINSGGKIECVSAENTEDCIAKIVKGEADAMSLDGGYI
YIAGKCGLVPVLAENYKTEGENCVNTPEKGYLAVAVVKKSSGPDLNWNNLKGKKSCHTAVDRTAGWNIPMGLLYNKINSC
KFDQFFGEGCAPGSQRNSSLCALCIGSERAPGRECLANNHERYYGYTGAFRCLVEKGDVAFVKDQVVQQNTDGKNKDDWA
KDLKQMDFELLCQNGAREPVDNAENCHLARAPNHAVVARDDKVTCVAEELLKQQAQFGRHVTDCSSSFCMFKSNTKDLLF
RDDTQCLARVGKTTYESYLGADYITAVANLRKCSTSKLLEACTFHSAKNPRVETTT
;
_entity_poly.pdbx_strand_id   A
#
loop_
_chem_comp.id
_chem_comp.type
_chem_comp.name
_chem_comp.formula
CO3 non-polymer 'CARBONATE ION' 'C O3 -2'
FE non-polymer 'FE (III) ION' 'Fe 3'
NAG D-saccharide, beta linking 2-acetamido-2-deoxy-beta-D-glucopyranose 'C8 H15 N O6'
#
# COMPACT_ATOMS: atom_id res chain seq x y z
N GLN A 3 -10.60 27.16 -17.81
CA GLN A 3 -10.97 27.92 -16.58
C GLN A 3 -9.94 27.71 -15.48
N LYS A 4 -9.79 26.46 -15.02
CA LYS A 4 -8.75 26.15 -14.04
C LYS A 4 -7.37 26.12 -14.70
N THR A 5 -6.38 26.60 -13.99
CA THR A 5 -4.99 26.63 -14.46
C THR A 5 -4.08 25.77 -13.61
N VAL A 6 -3.29 24.92 -14.22
CA VAL A 6 -2.29 24.17 -13.49
C VAL A 6 -0.94 24.78 -13.78
N ARG A 7 -0.27 25.19 -12.74
CA ARG A 7 1.03 25.81 -12.86
C ARG A 7 2.20 24.77 -12.69
N TRP A 8 2.83 24.43 -13.80
CA TRP A 8 3.88 23.46 -13.87
C TRP A 8 5.20 24.15 -13.56
N CYS A 9 6.04 23.52 -12.78
CA CYS A 9 7.39 24.00 -12.46
C CYS A 9 8.46 23.40 -13.29
N THR A 10 9.25 24.23 -13.97
CA THR A 10 10.35 23.83 -14.78
C THR A 10 11.67 24.12 -14.13
N ILE A 11 12.72 23.40 -14.53
CA ILE A 11 13.99 23.58 -13.88
C ILE A 11 15.09 24.05 -14.81
N SER A 12 14.80 24.29 -16.07
CA SER A 12 15.85 24.64 -17.01
C SER A 12 15.27 25.37 -18.19
N ASN A 13 16.16 26.02 -18.94
CA ASN A 13 15.76 26.65 -20.21
C ASN A 13 15.13 25.66 -21.16
N GLN A 14 15.70 24.46 -21.22
CA GLN A 14 15.14 23.44 -22.08
C GLN A 14 13.73 22.99 -21.69
N GLU A 15 13.52 22.79 -20.39
CA GLU A 15 12.22 22.38 -19.89
C GLU A 15 11.22 23.48 -20.13
N ALA A 16 11.67 24.73 -19.96
CA ALA A 16 10.84 25.89 -20.20
C ALA A 16 10.37 25.96 -21.67
N ASN A 17 11.24 25.62 -22.61
CA ASN A 17 10.85 25.57 -23.97
C ASN A 17 9.74 24.53 -24.26
N LYS A 18 9.93 23.31 -23.77
CA LYS A 18 8.90 22.32 -23.86
C LYS A 18 7.63 22.74 -23.15
N CYS A 19 7.73 23.35 -21.99
CA CYS A 19 6.52 23.70 -21.28
C CYS A 19 5.71 24.75 -22.08
N SER A 20 6.39 25.72 -22.73
CA SER A 20 5.70 26.71 -23.55
C SER A 20 4.94 26.04 -24.67
N SER A 21 5.54 25.06 -25.34
CA SER A 21 4.81 24.34 -26.34
C SER A 21 3.69 23.50 -25.81
N PHE A 22 3.82 22.92 -24.59
CA PHE A 22 2.75 22.14 -23.92
C PHE A 22 1.56 23.09 -23.69
N ARG A 23 1.83 24.28 -23.20
CA ARG A 23 0.83 25.28 -22.94
C ARG A 23 0.02 25.64 -24.23
N GLU A 24 0.74 26.02 -25.25
CA GLU A 24 0.17 26.45 -26.49
C GLU A 24 -0.66 25.34 -27.14
N ASN A 25 -0.08 24.16 -27.18
CA ASN A 25 -0.79 23.04 -27.71
C ASN A 25 -2.03 22.57 -26.91
N MET A 26 -1.97 22.58 -25.60
CA MET A 26 -3.14 22.21 -24.86
C MET A 26 -4.27 23.23 -25.09
N SER A 27 -3.92 24.51 -25.12
CA SER A 27 -4.87 25.60 -25.39
C SER A 27 -5.71 25.36 -26.63
N LYS A 28 -5.04 24.98 -27.69
CA LYS A 28 -5.67 24.67 -28.95
C LYS A 28 -6.49 23.39 -28.94
N ALA A 29 -5.94 22.33 -28.39
CA ALA A 29 -6.59 21.01 -28.42
C ALA A 29 -7.72 20.83 -27.41
N VAL A 30 -7.60 21.44 -26.25
CA VAL A 30 -8.60 21.27 -25.25
C VAL A 30 -9.28 22.59 -24.99
N LYS A 31 -10.59 22.63 -25.14
CA LYS A 31 -11.30 23.88 -25.00
C LYS A 31 -11.64 24.23 -23.56
N ASN A 32 -12.01 23.22 -22.80
CA ASN A 32 -12.44 23.44 -21.43
C ASN A 32 -11.55 22.83 -20.36
N GLY A 33 -10.64 21.96 -20.79
CA GLY A 33 -9.72 21.30 -19.87
C GLY A 33 -8.86 22.35 -19.22
N PRO A 34 -8.29 22.03 -18.07
CA PRO A 34 -7.45 22.99 -17.36
C PRO A 34 -6.47 23.65 -18.29
N LEU A 35 -6.10 24.87 -17.98
CA LEU A 35 -5.04 25.54 -18.68
C LEU A 35 -3.70 25.18 -18.01
N VAL A 36 -2.61 25.28 -18.76
CA VAL A 36 -1.27 25.11 -18.17
C VAL A 36 -0.54 26.42 -18.16
N SER A 37 0.20 26.72 -17.11
CA SER A 37 1.10 27.84 -17.19
C SER A 37 2.41 27.36 -16.52
N CYS A 38 3.51 27.96 -16.93
CA CYS A 38 4.83 27.49 -16.54
C CYS A 38 5.55 28.44 -15.64
N VAL A 39 6.22 27.93 -14.60
CA VAL A 39 6.92 28.72 -13.63
C VAL A 39 8.31 28.15 -13.68
N LYS A 40 9.29 29.01 -13.95
CA LYS A 40 10.65 28.61 -14.21
C LYS A 40 11.53 28.78 -12.98
N LYS A 41 12.05 27.67 -12.50
CA LYS A 41 12.96 27.65 -11.35
C LYS A 41 14.24 27.01 -11.80
N SER A 42 15.14 26.75 -10.88
CA SER A 42 16.46 26.27 -11.30
C SER A 42 16.87 24.89 -10.77
N SER A 43 15.96 24.22 -10.07
CA SER A 43 16.18 22.86 -9.61
C SER A 43 14.94 22.26 -9.07
N TYR A 44 14.94 20.96 -8.88
CA TYR A 44 13.76 20.32 -8.31
C TYR A 44 13.47 20.82 -6.93
N LEU A 45 14.50 21.13 -6.15
CA LEU A 45 14.27 21.61 -4.80
C LEU A 45 13.58 23.00 -4.80
N ASP A 46 14.00 23.90 -5.68
CA ASP A 46 13.27 25.14 -5.82
C ASP A 46 11.80 24.89 -6.23
N CYS A 47 11.58 23.86 -7.04
CA CYS A 47 10.19 23.57 -7.44
C CYS A 47 9.30 23.09 -6.25
N ILE A 48 9.85 22.21 -5.42
CA ILE A 48 9.15 21.65 -4.24
C ILE A 48 8.72 22.77 -3.30
N LYS A 49 9.61 23.72 -3.11
CA LYS A 49 9.37 24.90 -2.31
C LYS A 49 8.34 25.86 -2.94
N ALA A 50 8.42 26.03 -4.26
CA ALA A 50 7.45 26.85 -4.94
C ALA A 50 6.05 26.23 -4.83
N ILE A 51 5.98 24.91 -4.88
CA ILE A 51 4.73 24.25 -4.70
C ILE A 51 4.19 24.38 -3.28
N ARG A 52 5.06 24.25 -2.31
CA ARG A 52 4.66 24.41 -0.90
C ARG A 52 4.15 25.84 -0.68
N ASP A 53 4.80 26.82 -1.29
CA ASP A 53 4.45 28.23 -1.10
C ASP A 53 3.33 28.71 -2.00
N LYS A 54 2.73 27.79 -2.75
CA LYS A 54 1.65 28.09 -3.68
C LYS A 54 2.01 29.04 -4.84
N GLU A 55 3.24 28.96 -5.35
CA GLU A 55 3.62 29.70 -6.54
C GLU A 55 3.55 28.78 -7.73
N ALA A 56 3.41 27.48 -7.49
CA ALA A 56 3.22 26.52 -8.54
C ALA A 56 2.44 25.34 -7.97
N ASP A 57 2.00 24.41 -8.83
CA ASP A 57 1.13 23.29 -8.41
C ASP A 57 1.72 21.89 -8.58
N ALA A 58 2.59 21.71 -9.57
CA ALA A 58 3.07 20.40 -9.94
C ALA A 58 4.45 20.31 -10.52
N VAL A 59 5.08 19.21 -10.29
CA VAL A 59 6.39 18.90 -10.93
C VAL A 59 6.57 17.39 -10.84
N THR A 60 7.31 16.83 -11.80
CA THR A 60 7.59 15.44 -11.86
C THR A 60 8.92 15.14 -11.23
N LEU A 61 8.93 14.16 -10.32
CA LEU A 61 10.11 13.83 -9.54
C LEU A 61 10.49 12.37 -9.61
N ASP A 62 11.80 12.08 -9.67
CA ASP A 62 12.28 10.74 -9.41
C ASP A 62 11.86 10.32 -7.98
N ALA A 63 11.62 9.05 -7.76
CA ALA A 63 11.06 8.64 -6.51
C ALA A 63 11.90 8.94 -5.32
N GLY A 64 13.20 8.98 -5.48
CA GLY A 64 14.07 9.37 -4.41
C GLY A 64 13.78 10.77 -3.95
N LEU A 65 13.34 11.61 -4.86
CA LEU A 65 13.05 12.98 -4.51
C LEU A 65 11.61 13.17 -4.05
N VAL A 66 10.73 12.27 -4.48
CA VAL A 66 9.37 12.18 -3.96
C VAL A 66 9.45 12.03 -2.45
N PHE A 67 10.36 11.18 -2.01
CA PHE A 67 10.54 10.99 -0.60
C PHE A 67 10.90 12.33 0.10
N GLU A 68 11.86 13.07 -0.47
CA GLU A 68 12.25 14.38 0.10
C GLU A 68 11.14 15.40 0.05
N ALA A 69 10.31 15.34 -1.01
CA ALA A 69 9.18 16.25 -1.13
C ALA A 69 8.09 15.95 -0.08
N GLY A 70 7.99 14.70 0.32
CA GLY A 70 6.98 14.26 1.28
C GLY A 70 7.29 14.56 2.75
N LEU A 71 8.49 15.03 3.03
CA LEU A 71 8.89 15.41 4.38
C LEU A 71 8.53 16.84 4.72
N ALA A 72 8.27 17.03 6.01
CA ALA A 72 8.07 18.35 6.52
C ALA A 72 9.35 19.09 6.24
N PRO A 73 9.22 20.36 5.96
CA PRO A 73 7.93 21.04 5.92
C PRO A 73 7.20 21.09 4.57
N TYR A 74 7.64 20.31 3.59
CA TYR A 74 7.04 20.43 2.27
C TYR A 74 5.70 19.75 2.18
N ASN A 75 5.63 18.54 2.72
CA ASN A 75 4.43 17.76 2.76
C ASN A 75 3.74 17.57 1.43
N LEU A 76 4.47 17.31 0.36
CA LEU A 76 3.78 17.07 -0.91
C LEU A 76 3.53 15.62 -0.99
N LYS A 77 2.65 15.20 -1.88
CA LYS A 77 2.29 13.85 -2.08
C LYS A 77 2.28 13.55 -3.56
N PRO A 78 2.58 12.31 -3.89
CA PRO A 78 2.55 11.87 -5.28
C PRO A 78 1.08 11.67 -5.71
N VAL A 79 0.67 12.23 -6.86
CA VAL A 79 -0.68 12.16 -7.34
C VAL A 79 -0.79 11.51 -8.69
N VAL A 80 0.23 11.55 -9.52
CA VAL A 80 0.19 10.86 -10.79
C VAL A 80 1.53 10.20 -11.07
N ALA A 81 1.49 8.98 -11.60
CA ALA A 81 2.71 8.26 -11.91
C ALA A 81 2.87 8.05 -13.41
N GLU A 82 4.13 8.13 -13.86
CA GLU A 82 4.52 7.68 -15.15
C GLU A 82 4.40 6.15 -15.16
N PHE A 83 4.05 5.58 -16.30
CA PHE A 83 4.19 4.15 -16.53
C PHE A 83 5.07 3.93 -17.71
N TYR A 84 5.83 2.86 -17.64
CA TYR A 84 6.72 2.43 -18.70
C TYR A 84 6.15 1.17 -19.37
N GLY A 85 6.62 0.85 -20.56
CA GLY A 85 6.21 -0.35 -21.23
C GLY A 85 4.89 -0.22 -21.94
N GLN A 86 4.22 -1.32 -22.19
CA GLN A 86 2.94 -1.28 -22.97
C GLN A 86 1.78 -0.90 -22.10
N LYS A 87 0.85 -0.16 -22.68
CA LYS A 87 -0.29 0.35 -21.93
C LYS A 87 -1.26 -0.72 -21.40
N ASP A 88 -1.18 -1.92 -21.97
CA ASP A 88 -2.03 -3.03 -21.52
C ASP A 88 -1.44 -3.74 -20.29
N ASN A 89 -0.14 -3.55 -20.03
CA ASN A 89 0.55 -4.16 -18.88
C ASN A 89 1.51 -3.13 -18.39
N PRO A 90 1.00 -2.05 -17.84
CA PRO A 90 1.86 -0.92 -17.47
C PRO A 90 2.83 -1.25 -16.35
N GLN A 91 4.07 -0.86 -16.48
CA GLN A 91 5.09 -1.10 -15.45
C GLN A 91 5.22 0.18 -14.58
N THR A 92 5.10 0.06 -13.26
CA THR A 92 5.27 1.20 -12.37
C THR A 92 6.58 1.12 -11.62
N HIS A 93 7.52 0.38 -12.23
CA HIS A 93 8.90 0.30 -11.77
C HIS A 93 9.83 0.29 -12.98
N TYR A 94 11.09 0.65 -12.76
CA TYR A 94 12.10 0.52 -13.77
C TYR A 94 13.38 -0.05 -13.13
N TYR A 95 14.34 -0.47 -13.94
CA TYR A 95 15.55 -1.04 -13.43
C TYR A 95 16.75 -0.07 -13.32
N ALA A 96 17.40 -0.02 -12.17
CA ALA A 96 18.63 0.77 -12.00
C ALA A 96 19.73 -0.16 -12.43
N VAL A 97 20.65 0.35 -13.23
CA VAL A 97 21.74 -0.45 -13.71
C VAL A 97 23.02 0.36 -13.69
N ALA A 98 24.15 -0.29 -13.91
CA ALA A 98 25.45 0.41 -13.94
C ALA A 98 26.08 0.14 -15.29
N VAL A 99 26.34 1.17 -16.07
CA VAL A 99 26.80 1.03 -17.45
C VAL A 99 28.28 1.33 -17.49
N VAL A 100 29.02 0.47 -18.20
CA VAL A 100 30.47 0.61 -18.38
C VAL A 100 30.83 0.41 -19.86
N LYS A 101 31.98 0.86 -20.29
CA LYS A 101 32.44 0.56 -21.64
C LYS A 101 33.15 -0.82 -21.70
N LYS A 102 32.90 -1.55 -22.78
CA LYS A 102 33.55 -2.84 -23.00
C LYS A 102 35.06 -2.69 -23.00
N GLY A 103 35.77 -3.64 -22.37
CA GLY A 103 37.23 -3.69 -22.34
C GLY A 103 37.86 -2.90 -21.21
N SER A 104 37.05 -2.21 -20.42
CA SER A 104 37.56 -1.40 -19.34
C SER A 104 38.03 -2.32 -18.20
N ASN A 105 37.56 -3.56 -18.23
CA ASN A 105 38.10 -4.60 -17.38
C ASN A 105 38.23 -4.30 -15.87
N PHE A 106 37.07 -4.13 -15.25
CA PHE A 106 36.91 -4.10 -13.79
C PHE A 106 35.51 -4.60 -13.54
N GLN A 107 35.27 -5.14 -12.35
CA GLN A 107 33.98 -5.68 -11.98
C GLN A 107 33.40 -4.86 -10.83
N TRP A 108 32.17 -5.18 -10.45
CA TRP A 108 31.44 -4.51 -9.42
C TRP A 108 32.27 -4.40 -8.14
N ASN A 109 33.02 -5.43 -7.81
CA ASN A 109 33.76 -5.42 -6.59
C ASN A 109 35.05 -4.61 -6.66
N GLN A 110 35.35 -4.09 -7.85
CA GLN A 110 36.52 -3.24 -8.07
C GLN A 110 36.23 -1.75 -8.45
N LEU A 111 35.22 -1.14 -7.86
CA LEU A 111 34.84 0.22 -8.22
C LEU A 111 35.72 1.28 -7.58
N GLN A 112 36.35 0.91 -6.45
CA GLN A 112 37.24 1.81 -5.75
C GLN A 112 38.27 2.45 -6.68
N GLY A 113 38.45 3.76 -6.52
CA GLY A 113 39.32 4.52 -7.41
C GLY A 113 38.84 4.76 -8.84
N LYS A 114 37.69 4.26 -9.24
CA LYS A 114 37.23 4.62 -10.57
C LYS A 114 36.58 6.01 -10.59
N ARG A 115 36.26 6.53 -11.76
CA ARG A 115 35.52 7.80 -11.93
C ARG A 115 34.04 7.52 -12.24
N SER A 116 33.12 8.18 -11.52
CA SER A 116 31.70 7.89 -11.62
C SER A 116 30.84 9.02 -12.17
N CYS A 117 29.88 8.63 -12.98
CA CYS A 117 28.86 9.53 -13.54
C CYS A 117 27.49 9.20 -12.91
N HIS A 118 26.87 10.20 -12.31
CA HIS A 118 25.64 9.98 -11.63
C HIS A 118 24.51 10.90 -12.20
N THR A 119 23.26 10.42 -12.23
CA THR A 119 22.17 11.29 -12.73
C THR A 119 22.03 12.54 -11.93
N GLY A 120 22.18 12.40 -10.64
CA GLY A 120 21.97 13.50 -9.70
C GLY A 120 21.84 13.06 -8.27
N LEU A 121 22.24 13.92 -7.36
CA LEU A 121 22.16 13.62 -5.93
C LEU A 121 20.75 13.31 -5.46
N GLY A 122 20.60 12.19 -4.78
CA GLY A 122 19.34 11.84 -4.13
C GLY A 122 18.37 11.06 -5.00
N ARG A 123 18.76 10.79 -6.25
CA ARG A 123 17.95 10.10 -7.21
C ARG A 123 18.12 8.58 -7.11
N SER A 124 17.04 7.83 -7.44
CA SER A 124 17.00 6.39 -7.34
C SER A 124 18.17 5.65 -8.04
N ALA A 125 18.24 5.66 -9.36
CA ALA A 125 19.26 4.91 -10.04
C ALA A 125 20.63 5.58 -9.92
N GLY A 126 20.60 6.89 -9.91
CA GLY A 126 21.84 7.65 -9.91
C GLY A 126 22.60 7.60 -8.57
N TRP A 127 21.90 7.50 -7.44
CA TRP A 127 22.50 7.73 -6.20
C TRP A 127 22.07 6.70 -5.16
N ILE A 128 20.76 6.67 -4.87
CA ILE A 128 20.28 5.91 -3.74
C ILE A 128 20.61 4.45 -3.83
N ILE A 129 20.34 3.86 -4.99
CA ILE A 129 20.53 2.45 -5.13
C ILE A 129 21.97 2.06 -5.19
N PRO A 130 22.78 2.63 -6.11
CA PRO A 130 24.19 2.23 -6.10
C PRO A 130 24.88 2.52 -4.75
N MET A 131 24.61 3.65 -4.13
CA MET A 131 25.34 3.97 -2.88
C MET A 131 24.91 3.10 -1.67
N GLY A 132 23.64 2.70 -1.67
CA GLY A 132 23.15 1.77 -0.70
C GLY A 132 23.86 0.45 -0.82
N LEU A 133 24.10 0.00 -2.05
CA LEU A 133 24.85 -1.21 -2.27
C LEU A 133 26.34 -1.14 -1.90
N LEU A 134 26.98 0.00 -2.10
CA LEU A 134 28.37 0.15 -1.85
C LEU A 134 28.67 0.59 -0.44
N TYR A 135 27.63 0.90 0.31
CA TYR A 135 27.79 1.56 1.59
C TYR A 135 28.88 0.92 2.43
N ASP A 136 28.83 -0.40 2.53
CA ASP A 136 29.76 -1.11 3.40
C ASP A 136 31.21 -1.01 2.93
N GLN A 137 31.45 -0.67 1.70
CA GLN A 137 32.82 -0.50 1.27
C GLN A 137 33.28 0.95 1.34
N LEU A 138 32.41 1.89 1.64
CA LEU A 138 32.86 3.28 1.75
C LEU A 138 33.77 3.45 2.96
N PRO A 139 34.80 4.25 2.85
CA PRO A 139 35.69 4.48 3.98
C PRO A 139 34.96 5.26 5.04
N GLU A 140 35.14 4.87 6.29
CA GLU A 140 34.52 5.62 7.36
C GLU A 140 35.29 6.88 7.54
N PRO A 141 34.68 7.89 8.09
CA PRO A 141 33.29 7.83 8.52
C PRO A 141 32.36 8.06 7.33
N ARG A 142 31.24 7.39 7.32
CA ARG A 142 30.31 7.49 6.21
C ARG A 142 29.24 8.58 6.33
N LYS A 143 29.44 9.55 7.23
CA LYS A 143 28.51 10.64 7.43
C LYS A 143 29.26 11.96 7.37
N PRO A 144 28.87 12.84 6.48
CA PRO A 144 27.80 12.60 5.53
C PRO A 144 28.26 11.65 4.43
N ILE A 145 27.33 11.03 3.72
CA ILE A 145 27.68 10.07 2.69
C ILE A 145 28.53 10.70 1.57
N GLU A 146 28.29 11.95 1.22
CA GLU A 146 29.08 12.62 0.18
C GLU A 146 30.61 12.52 0.40
N LYS A 147 31.03 12.73 1.65
CA LYS A 147 32.47 12.74 1.93
C LYS A 147 33.04 11.34 1.69
N ALA A 148 32.32 10.33 2.14
CA ALA A 148 32.74 8.96 1.95
C ALA A 148 32.76 8.62 0.49
N VAL A 149 31.77 9.04 -0.28
CA VAL A 149 31.78 8.78 -1.72
C VAL A 149 32.94 9.51 -2.37
N ALA A 150 33.23 10.72 -1.90
CA ALA A 150 34.35 11.45 -2.52
C ALA A 150 35.70 10.81 -2.24
N SER A 151 35.78 9.97 -1.23
CA SER A 151 37.05 9.30 -0.95
C SER A 151 37.11 7.92 -1.59
N PHE A 152 35.99 7.43 -2.09
CA PHE A 152 35.92 6.12 -2.70
C PHE A 152 36.17 6.18 -4.16
N PHE A 153 35.46 7.01 -4.89
CA PHE A 153 35.74 7.16 -6.30
C PHE A 153 36.87 8.16 -6.46
N SER A 154 37.66 8.11 -7.53
CA SER A 154 38.76 9.09 -7.65
C SER A 154 38.23 10.52 -7.95
N SER A 155 37.20 10.59 -8.80
CA SER A 155 36.51 11.85 -9.01
C SER A 155 35.17 11.49 -9.65
N SER A 156 34.24 12.41 -9.68
CA SER A 156 32.95 12.12 -10.23
C SER A 156 32.22 13.32 -10.81
N CYS A 157 31.01 13.08 -11.33
CA CYS A 157 29.98 14.11 -11.63
C CYS A 157 28.70 13.61 -10.97
N VAL A 158 28.36 14.30 -9.91
CA VAL A 158 27.11 14.12 -9.16
C VAL A 158 26.45 15.52 -9.19
N PRO A 159 25.67 15.77 -10.22
CA PRO A 159 24.94 17.03 -10.32
C PRO A 159 24.14 17.29 -9.09
N CYS A 160 24.09 18.54 -8.70
CA CYS A 160 23.36 18.92 -7.52
C CYS A 160 24.23 18.82 -6.25
N ALA A 161 25.35 18.12 -6.26
CA ALA A 161 26.22 18.13 -5.08
C ALA A 161 26.83 19.57 -4.86
N ASP A 162 27.17 19.87 -3.62
CA ASP A 162 27.77 21.17 -3.29
C ASP A 162 29.26 21.18 -3.75
N PRO A 163 29.58 22.00 -4.73
CA PRO A 163 30.93 22.00 -5.31
C PRO A 163 31.94 22.67 -4.39
N VAL A 164 31.46 23.38 -3.37
CA VAL A 164 32.36 24.00 -2.41
C VAL A 164 32.79 22.97 -1.36
N ASN A 165 31.85 22.30 -0.69
CA ASN A 165 32.26 21.29 0.30
C ASN A 165 32.74 19.98 -0.28
N PHE A 166 32.23 19.56 -1.44
CA PHE A 166 32.70 18.33 -2.08
C PHE A 166 33.13 18.49 -3.53
N PRO A 167 34.29 19.09 -3.77
CA PRO A 167 34.73 19.40 -5.12
C PRO A 167 34.92 18.19 -5.96
N LYS A 168 35.39 17.10 -5.36
CA LYS A 168 35.61 15.93 -6.16
C LYS A 168 34.30 15.36 -6.78
N LEU A 169 33.17 15.55 -6.10
CA LEU A 169 31.89 15.08 -6.64
C LEU A 169 31.44 15.89 -7.82
N CYS A 170 32.03 17.07 -8.05
CA CYS A 170 31.64 17.90 -9.17
C CYS A 170 32.74 18.04 -10.20
N GLN A 171 33.88 17.38 -9.95
CA GLN A 171 35.06 17.56 -10.79
C GLN A 171 34.97 17.10 -12.24
N GLN A 172 34.31 15.98 -12.51
CA GLN A 172 34.20 15.53 -13.83
C GLN A 172 32.96 16.16 -14.54
N CYS A 173 32.22 17.03 -13.89
CA CYS A 173 31.00 17.57 -14.56
C CYS A 173 31.42 18.59 -15.65
N ALA A 174 30.51 18.90 -16.58
CA ALA A 174 30.91 19.66 -17.75
C ALA A 174 30.30 21.04 -17.89
N GLY A 175 29.53 21.49 -16.94
CA GLY A 175 28.88 22.80 -17.03
C GLY A 175 29.88 23.96 -16.93
N LYS A 176 29.54 25.09 -17.54
CA LYS A 176 30.39 26.27 -17.57
C LYS A 176 30.11 27.21 -16.47
N GLY A 177 31.19 27.75 -15.90
CA GLY A 177 31.14 28.75 -14.88
C GLY A 177 30.23 28.27 -13.82
N ALA A 178 29.33 29.16 -13.42
CA ALA A 178 28.37 28.90 -12.39
C ALA A 178 27.43 27.72 -12.67
N GLU A 179 27.40 27.18 -13.87
CA GLU A 179 26.51 26.07 -14.15
C GLU A 179 27.20 24.70 -13.94
N LYS A 180 28.47 24.69 -13.57
CA LYS A 180 29.16 23.44 -13.39
C LYS A 180 28.49 22.73 -12.22
N CYS A 181 28.12 21.49 -12.43
CA CYS A 181 27.48 20.68 -11.40
C CYS A 181 26.06 21.07 -11.07
N ALA A 182 25.46 21.95 -11.88
CA ALA A 182 24.10 22.41 -11.63
C ALA A 182 23.09 21.24 -11.55
N CYS A 183 22.04 21.47 -10.79
CA CYS A 183 20.95 20.51 -10.64
C CYS A 183 19.88 20.68 -11.75
N SER A 184 20.27 20.59 -13.00
CA SER A 184 19.39 20.84 -14.10
C SER A 184 20.08 20.56 -15.40
N ASN A 185 19.30 20.59 -16.49
CA ASN A 185 19.83 20.40 -17.81
C ASN A 185 20.90 21.44 -18.21
N HIS A 186 21.10 22.50 -17.45
CA HIS A 186 22.20 23.43 -17.81
C HIS A 186 23.58 22.75 -17.58
N GLU A 187 23.62 21.71 -16.76
CA GLU A 187 24.81 20.87 -16.65
C GLU A 187 24.63 19.73 -17.64
N PRO A 188 25.49 19.64 -18.64
CA PRO A 188 25.32 18.65 -19.69
C PRO A 188 25.29 17.19 -19.17
N TYR A 189 25.90 16.95 -18.03
CA TYR A 189 25.93 15.59 -17.58
C TYR A 189 24.81 15.27 -16.53
N PHE A 190 23.84 16.16 -16.39
CA PHE A 190 22.71 15.97 -15.45
C PHE A 190 21.75 14.88 -16.00
N GLY A 191 21.16 14.05 -15.13
CA GLY A 191 20.13 13.16 -15.56
C GLY A 191 20.59 11.88 -16.18
N TYR A 192 19.63 11.06 -16.62
CA TYR A 192 20.00 9.78 -17.20
C TYR A 192 20.89 9.99 -18.49
N ALA A 193 20.40 10.84 -19.38
CA ALA A 193 21.10 11.15 -20.61
C ALA A 193 22.44 11.75 -20.30
N GLY A 194 22.48 12.70 -19.37
CA GLY A 194 23.73 13.34 -19.00
C GLY A 194 24.74 12.34 -18.45
N ALA A 195 24.31 11.49 -17.53
CA ALA A 195 25.22 10.54 -16.93
C ALA A 195 25.79 9.64 -18.01
N PHE A 196 24.98 9.29 -18.97
CA PHE A 196 25.45 8.38 -20.03
C PHE A 196 26.42 9.09 -20.91
N ASN A 197 26.23 10.40 -21.10
CA ASN A 197 27.14 11.16 -21.93
C ASN A 197 28.46 11.31 -21.20
N CYS A 198 28.38 11.47 -19.89
CA CYS A 198 29.53 11.51 -19.03
C CYS A 198 30.43 10.26 -19.30
N LEU A 199 29.85 9.07 -19.37
CA LEU A 199 30.59 7.85 -19.68
C LEU A 199 31.13 7.84 -21.13
N LYS A 200 30.22 8.10 -22.08
CA LYS A 200 30.51 8.18 -23.49
C LYS A 200 31.74 9.06 -23.77
N GLU A 201 31.76 10.28 -23.27
CA GLU A 201 32.88 11.16 -23.43
C GLU A 201 34.07 10.87 -22.54
N ASP A 202 34.06 9.74 -21.80
CA ASP A 202 35.22 9.37 -20.98
C ASP A 202 35.53 10.31 -19.85
N ALA A 203 34.52 11.05 -19.38
CA ALA A 203 34.70 11.78 -18.15
C ALA A 203 34.50 10.81 -17.00
N GLY A 204 33.89 9.66 -17.21
CA GLY A 204 33.72 8.70 -16.12
C GLY A 204 33.96 7.31 -16.65
N ASP A 205 34.10 6.34 -15.76
CA ASP A 205 34.27 4.95 -16.13
C ASP A 205 33.00 4.10 -15.88
N VAL A 206 32.04 4.63 -15.13
CA VAL A 206 30.81 3.93 -14.84
C VAL A 206 29.69 5.00 -14.77
N ALA A 207 28.52 4.64 -15.30
CA ALA A 207 27.33 5.50 -15.21
C ALA A 207 26.18 4.76 -14.53
N PHE A 208 25.60 5.38 -13.54
CA PHE A 208 24.48 4.83 -12.82
C PHE A 208 23.19 5.44 -13.38
N VAL A 209 22.52 4.65 -14.16
CA VAL A 209 21.39 5.08 -14.94
C VAL A 209 20.32 4.00 -14.96
N LYS A 210 19.39 4.09 -15.90
CA LYS A 210 18.32 3.13 -15.97
C LYS A 210 18.44 2.20 -17.18
N HIS A 211 17.53 1.23 -17.23
CA HIS A 211 17.66 0.15 -18.18
C HIS A 211 17.47 0.58 -19.63
N SER A 212 16.74 1.64 -19.91
CA SER A 212 16.53 2.05 -21.30
C SER A 212 17.52 3.09 -21.75
N THR A 213 18.40 3.54 -20.83
CA THR A 213 19.25 4.69 -21.11
C THR A 213 20.18 4.55 -22.31
N VAL A 214 20.93 3.47 -22.37
CA VAL A 214 21.83 3.29 -23.48
C VAL A 214 21.09 3.28 -24.86
N LEU A 215 20.04 2.49 -24.98
CA LEU A 215 19.25 2.46 -26.24
C LEU A 215 18.62 3.79 -26.55
N GLU A 216 18.25 4.56 -25.53
CA GLU A 216 17.69 5.84 -25.84
C GLU A 216 18.74 6.82 -26.28
N ASN A 217 19.97 6.70 -25.80
CA ASN A 217 20.89 7.77 -26.07
C ASN A 217 21.93 7.50 -27.16
N LEU A 218 21.94 6.31 -27.71
CA LEU A 218 22.91 6.01 -28.75
C LEU A 218 22.27 6.26 -30.10
N PRO A 219 23.04 6.85 -30.98
CA PRO A 219 22.67 7.16 -32.38
C PRO A 219 21.64 6.32 -33.16
N ASP A 220 21.69 6.57 -34.47
CA ASP A 220 20.86 5.90 -35.47
C ASP A 220 21.07 4.39 -35.34
N LYS A 221 22.32 3.96 -35.42
CA LYS A 221 22.60 2.53 -35.32
C LYS A 221 23.36 2.15 -34.06
N ALA A 222 23.84 0.91 -34.02
CA ALA A 222 24.38 0.37 -32.78
C ALA A 222 25.90 0.29 -32.54
N ASP A 223 26.35 1.29 -31.82
CA ASP A 223 27.66 1.30 -31.21
C ASP A 223 27.42 0.64 -29.86
N ARG A 224 26.27 0.00 -29.73
CA ARG A 224 25.75 -0.54 -28.48
C ARG A 224 26.59 -1.67 -27.92
N ASP A 225 27.36 -2.28 -28.81
CA ASP A 225 28.30 -3.34 -28.50
C ASP A 225 29.52 -2.77 -27.75
N GLN A 226 29.64 -1.46 -27.79
CA GLN A 226 30.69 -0.81 -27.06
C GLN A 226 30.40 -0.69 -25.55
N TYR A 227 29.20 -1.04 -25.12
CA TYR A 227 28.80 -0.86 -23.74
C TYR A 227 28.35 -2.17 -23.13
N GLU A 228 28.47 -2.26 -21.82
CA GLU A 228 28.04 -3.44 -21.10
C GLU A 228 27.50 -2.99 -19.75
N LEU A 229 26.95 -3.95 -19.03
CA LEU A 229 26.43 -3.76 -17.67
C LEU A 229 27.33 -4.46 -16.62
N LEU A 230 27.52 -3.80 -15.48
CA LEU A 230 28.15 -4.40 -14.32
C LEU A 230 27.08 -5.11 -13.50
N CYS A 231 27.25 -6.43 -13.32
CA CYS A 231 26.32 -7.19 -12.49
C CYS A 231 26.86 -7.36 -11.09
N ARG A 232 25.95 -7.53 -10.13
CA ARG A 232 26.31 -7.69 -8.71
C ARG A 232 27.06 -9.00 -8.42
N ASP A 233 27.06 -9.95 -9.34
CA ASP A 233 27.82 -11.20 -9.12
C ASP A 233 29.19 -11.07 -9.73
N ASN A 234 29.64 -9.85 -9.97
CA ASN A 234 30.97 -9.55 -10.50
C ASN A 234 31.24 -10.09 -11.92
N THR A 235 30.23 -10.04 -12.77
CA THR A 235 30.39 -10.34 -14.19
C THR A 235 29.83 -9.15 -14.96
N ARG A 236 29.93 -9.18 -16.27
CA ARG A 236 29.44 -8.12 -17.11
C ARG A 236 28.51 -8.81 -18.10
N ARG A 237 27.49 -8.08 -18.51
CA ARG A 237 26.55 -8.61 -19.50
C ARG A 237 26.19 -7.52 -20.49
N PRO A 238 25.66 -7.93 -21.65
CA PRO A 238 25.19 -6.97 -22.65
C PRO A 238 24.10 -6.05 -22.12
N VAL A 239 24.01 -4.87 -22.71
CA VAL A 239 23.06 -3.86 -22.25
C VAL A 239 21.64 -4.30 -22.42
N ASP A 240 21.35 -5.18 -23.38
CA ASP A 240 19.95 -5.64 -23.45
C ASP A 240 19.64 -6.84 -22.60
N ASP A 241 20.55 -7.20 -21.73
CA ASP A 241 20.30 -8.29 -20.81
C ASP A 241 20.11 -7.75 -19.41
N TYR A 242 19.53 -6.58 -19.26
CA TYR A 242 19.38 -5.99 -17.94
C TYR A 242 18.54 -6.82 -17.00
N GLU A 243 17.62 -7.63 -17.50
CA GLU A 243 16.78 -8.39 -16.56
C GLU A 243 17.58 -9.39 -15.70
N ASN A 244 18.79 -9.75 -16.16
CA ASN A 244 19.68 -10.62 -15.41
C ASN A 244 20.92 -9.85 -14.87
N CYS A 245 20.86 -8.52 -14.79
CA CYS A 245 22.02 -7.74 -14.41
C CYS A 245 21.62 -6.32 -14.04
N TYR A 246 20.79 -6.24 -13.03
CA TYR A 246 20.31 -4.97 -12.56
C TYR A 246 20.71 -4.76 -11.08
N LEU A 247 20.61 -3.53 -10.60
CA LEU A 247 21.00 -3.29 -9.24
C LEU A 247 19.78 -3.32 -8.40
N ALA A 248 18.67 -2.75 -8.86
CA ALA A 248 17.43 -2.82 -8.13
C ALA A 248 16.31 -2.36 -9.04
N GLN A 249 15.10 -2.65 -8.61
CA GLN A 249 13.92 -2.19 -9.26
C GLN A 249 13.36 -1.04 -8.41
N VAL A 250 13.00 0.09 -9.03
CA VAL A 250 12.56 1.25 -8.29
C VAL A 250 11.30 1.80 -8.85
N PRO A 251 10.48 2.43 -8.03
CA PRO A 251 9.19 2.93 -8.48
C PRO A 251 9.35 4.10 -9.44
N SER A 252 8.31 4.27 -10.24
CA SER A 252 8.18 5.33 -11.21
C SER A 252 8.38 6.72 -10.66
N HIS A 253 8.90 7.61 -11.52
CA HIS A 253 8.82 9.03 -11.31
C HIS A 253 7.33 9.35 -11.20
N ALA A 254 7.02 10.32 -10.39
CA ALA A 254 5.66 10.72 -10.15
C ALA A 254 5.59 12.20 -10.06
N VAL A 255 4.43 12.71 -10.44
CA VAL A 255 4.07 14.09 -10.28
C VAL A 255 3.65 14.28 -8.88
N VAL A 256 4.17 15.29 -8.22
CA VAL A 256 3.75 15.58 -6.87
C VAL A 256 2.99 16.92 -6.78
N ALA A 257 2.27 17.09 -5.69
CA ALA A 257 1.41 18.23 -5.46
C ALA A 257 1.19 18.39 -3.97
N ARG A 258 0.66 19.56 -3.58
CA ARG A 258 0.33 19.85 -2.17
C ARG A 258 -0.66 18.81 -1.58
N SER A 259 -0.42 18.42 -0.34
CA SER A 259 -1.27 17.49 0.41
C SER A 259 -2.58 18.16 0.70
N VAL A 260 -2.57 19.43 1.05
CA VAL A 260 -3.83 20.16 1.21
C VAL A 260 -3.99 21.25 0.14
N ASP A 261 -5.14 21.32 -0.52
CA ASP A 261 -5.38 22.36 -1.53
C ASP A 261 -4.35 22.27 -2.68
N GLY A 262 -4.12 21.04 -3.13
CA GLY A 262 -3.15 20.74 -4.15
C GLY A 262 -3.67 20.69 -5.55
N GLN A 263 -4.96 20.88 -5.75
CA GLN A 263 -5.55 20.88 -7.12
C GLN A 263 -5.30 19.60 -7.91
N GLU A 264 -5.23 18.48 -7.22
CA GLU A 264 -4.83 17.25 -7.91
C GLU A 264 -5.80 16.83 -8.90
N ASP A 265 -7.05 17.16 -8.65
CA ASP A 265 -8.12 16.85 -9.57
C ASP A 265 -7.77 17.49 -10.91
N SER A 266 -7.48 18.78 -10.85
CA SER A 266 -7.00 19.49 -12.03
C SER A 266 -5.76 18.85 -12.65
N ILE A 267 -4.79 18.46 -11.82
CA ILE A 267 -3.55 17.88 -12.38
C ILE A 267 -3.84 16.63 -13.15
N TRP A 268 -4.62 15.73 -12.59
CA TRP A 268 -5.01 14.52 -13.36
C TRP A 268 -5.78 14.83 -14.66
N GLU A 269 -6.79 15.65 -14.58
CA GLU A 269 -7.56 16.10 -15.77
C GLU A 269 -6.62 16.63 -16.85
N LEU A 270 -5.67 17.49 -16.47
CA LEU A 270 -4.67 17.97 -17.44
C LEU A 270 -3.89 16.85 -18.08
N LEU A 271 -3.31 16.03 -17.22
CA LEU A 271 -2.43 14.99 -17.72
C LEU A 271 -3.15 13.90 -18.50
N ASN A 272 -4.33 13.55 -18.03
CA ASN A 272 -5.13 12.53 -18.75
C ASN A 272 -5.50 12.99 -20.14
N GLN A 273 -6.01 14.19 -20.25
CA GLN A 273 -6.30 14.71 -21.58
C GLN A 273 -5.04 14.88 -22.37
N ALA A 274 -3.94 15.22 -21.72
CA ALA A 274 -2.74 15.45 -22.48
C ALA A 274 -2.22 14.18 -23.08
N GLN A 275 -2.33 13.09 -22.36
CA GLN A 275 -1.81 11.85 -22.94
C GLN A 275 -2.69 11.38 -24.11
N GLU A 276 -3.95 11.71 -24.03
CA GLU A 276 -4.88 11.36 -25.12
C GLU A 276 -4.48 12.08 -26.40
N HIS A 277 -4.22 13.39 -26.35
CA HIS A 277 -3.88 14.16 -27.57
C HIS A 277 -2.43 14.23 -27.94
N PHE A 278 -1.53 14.15 -26.97
CA PHE A 278 -0.13 14.38 -27.27
C PHE A 278 0.76 13.26 -26.71
N GLY A 279 0.12 12.14 -26.44
CA GLY A 279 0.77 10.94 -25.99
C GLY A 279 1.64 10.28 -27.04
N ARG A 280 2.19 9.15 -26.68
CA ARG A 280 3.08 8.47 -27.56
C ARG A 280 2.49 8.29 -28.98
N ASP A 281 3.14 8.82 -29.99
CA ASP A 281 2.75 8.71 -31.37
C ASP A 281 1.39 9.31 -31.72
N LYS A 282 0.85 10.14 -30.85
CA LYS A 282 -0.46 10.69 -31.05
C LYS A 282 -0.50 11.96 -31.91
N SER A 283 0.59 12.70 -32.04
CA SER A 283 0.52 13.97 -32.72
C SER A 283 1.83 14.45 -33.25
N PRO A 284 1.75 15.09 -34.38
CA PRO A 284 2.95 15.69 -35.01
C PRO A 284 3.25 17.06 -34.44
N ASP A 285 2.25 17.73 -33.88
CA ASP A 285 2.45 19.06 -33.34
C ASP A 285 3.22 19.13 -32.02
N PHE A 286 2.99 18.15 -31.10
CA PHE A 286 3.65 18.20 -29.82
C PHE A 286 3.70 16.82 -29.22
N GLN A 287 4.83 16.52 -28.58
CA GLN A 287 5.05 15.23 -27.96
C GLN A 287 5.34 15.43 -26.45
N LEU A 288 4.51 14.82 -25.65
CA LEU A 288 4.74 14.82 -24.20
C LEU A 288 6.07 14.12 -23.85
N PHE A 289 6.39 13.07 -24.54
CA PHE A 289 7.47 12.18 -24.13
C PHE A 289 8.70 12.24 -25.00
N SER A 290 8.89 13.39 -25.59
CA SER A 290 9.97 13.63 -26.48
C SER A 290 10.16 15.11 -26.66
N SER A 291 11.32 15.50 -27.15
CA SER A 291 11.56 16.89 -27.47
C SER A 291 12.84 17.09 -28.28
N SER A 292 12.84 18.01 -29.24
CA SER A 292 14.13 18.27 -29.91
C SER A 292 15.07 19.08 -29.00
N HIS A 293 14.60 19.60 -27.86
CA HIS A 293 15.47 20.33 -26.99
C HIS A 293 16.23 19.52 -25.94
N GLY A 294 15.98 18.23 -25.80
CA GLY A 294 16.67 17.41 -24.81
C GLY A 294 15.86 16.16 -24.39
N LYS A 295 16.45 15.34 -23.53
CA LYS A 295 15.86 14.11 -23.09
C LYS A 295 15.24 14.31 -21.72
N ASP A 296 14.10 13.68 -21.48
CA ASP A 296 13.50 13.62 -20.14
C ASP A 296 13.09 14.96 -19.62
N LEU A 297 12.58 15.80 -20.48
CA LEU A 297 12.14 17.14 -20.09
C LEU A 297 10.68 17.04 -19.63
N LEU A 298 10.40 17.53 -18.41
CA LEU A 298 9.11 17.52 -17.78
C LEU A 298 8.69 16.11 -17.28
N PHE A 299 8.83 15.11 -18.16
CA PHE A 299 8.54 13.68 -17.92
C PHE A 299 9.63 12.89 -18.55
N LYS A 300 9.78 11.63 -18.20
CA LYS A 300 10.85 10.85 -18.87
C LYS A 300 10.46 10.44 -20.27
N ASP A 301 11.42 10.44 -21.20
CA ASP A 301 11.19 9.99 -22.59
C ASP A 301 10.78 8.49 -22.65
N SER A 302 11.10 7.69 -21.62
CA SER A 302 10.66 6.31 -21.57
C SER A 302 9.28 6.10 -21.01
N ALA A 303 8.63 7.11 -20.38
CA ALA A 303 7.24 6.95 -20.00
C ALA A 303 6.34 6.84 -21.27
N ASN A 304 5.27 6.05 -21.15
CA ASN A 304 4.27 5.91 -22.21
C ASN A 304 2.90 6.40 -21.79
N GLY A 305 2.78 6.90 -20.60
CA GLY A 305 1.52 7.48 -20.20
C GLY A 305 1.55 7.70 -18.73
N PHE A 306 0.37 7.99 -18.19
CA PHE A 306 0.18 8.29 -16.79
C PHE A 306 -0.89 7.40 -16.14
N LEU A 307 -0.71 7.09 -14.87
CA LEU A 307 -1.74 6.47 -14.02
C LEU A 307 -1.98 7.36 -12.83
N LYS A 308 -3.24 7.47 -12.45
CA LYS A 308 -3.61 8.23 -11.30
C LYS A 308 -3.29 7.41 -10.06
N ILE A 309 -2.72 8.04 -9.03
CA ILE A 309 -2.35 7.31 -7.83
C ILE A 309 -3.57 7.28 -6.91
N PRO A 310 -3.93 6.13 -6.32
CA PRO A 310 -5.08 6.06 -5.39
C PRO A 310 -4.94 7.02 -4.24
N SER A 311 -6.06 7.50 -3.82
CA SER A 311 -6.07 8.49 -2.73
C SER A 311 -5.48 8.05 -1.38
N LYS A 312 -5.48 6.76 -1.06
CA LYS A 312 -4.88 6.32 0.20
C LYS A 312 -3.39 6.02 0.06
N MET A 313 -2.85 6.05 -1.15
CA MET A 313 -1.42 5.86 -1.32
C MET A 313 -0.68 7.19 -1.03
N ASP A 314 -0.07 7.34 0.13
CA ASP A 314 0.74 8.52 0.41
C ASP A 314 2.17 8.21 0.00
N SER A 315 3.12 9.09 0.27
CA SER A 315 4.45 8.79 -0.25
C SER A 315 5.03 7.53 0.31
N SER A 316 4.76 7.24 1.58
CA SER A 316 5.28 6.04 2.18
C SER A 316 4.80 4.79 1.48
N LEU A 317 3.49 4.74 1.26
CA LEU A 317 2.89 3.60 0.59
C LEU A 317 3.37 3.49 -0.86
N TYR A 318 3.49 4.61 -1.55
CA TYR A 318 3.98 4.60 -2.94
C TYR A 318 5.35 4.06 -3.08
N LEU A 319 6.25 4.51 -2.23
CA LEU A 319 7.63 4.05 -2.27
C LEU A 319 7.82 2.66 -1.71
N GLY A 320 7.08 2.29 -0.68
CA GLY A 320 7.22 0.95 -0.05
C GLY A 320 8.19 1.02 1.09
N TYR A 321 7.97 0.19 2.10
CA TYR A 321 8.70 0.28 3.38
C TYR A 321 10.22 -0.03 3.28
N GLN A 322 10.55 -1.06 2.57
CA GLN A 322 11.94 -1.41 2.29
C GLN A 322 12.72 -0.21 1.67
N TYR A 323 12.14 0.40 0.65
CA TYR A 323 12.78 1.52 -0.04
C TYR A 323 12.80 2.74 0.87
N VAL A 324 11.72 2.99 1.58
CA VAL A 324 11.76 4.10 2.51
C VAL A 324 12.87 3.86 3.55
N THR A 325 13.05 2.61 4.01
CA THR A 325 14.13 2.38 5.00
C THR A 325 15.54 2.59 4.41
N ALA A 326 15.78 2.16 3.17
CA ALA A 326 17.06 2.45 2.54
C ALA A 326 17.26 3.96 2.42
N LEU A 327 16.23 4.68 1.96
CA LEU A 327 16.32 6.11 1.83
C LEU A 327 16.58 6.75 3.22
N ARG A 328 15.90 6.25 4.21
CA ARG A 328 16.04 6.83 5.52
C ARG A 328 17.46 6.52 5.93
N ASN A 329 17.91 5.30 5.68
CA ASN A 329 19.29 4.95 6.04
C ASN A 329 20.38 5.91 5.57
N LEU A 330 20.36 6.31 4.32
CA LEU A 330 21.38 7.19 3.81
C LEU A 330 21.17 8.66 4.16
N ARG A 331 19.99 9.01 4.66
CA ARG A 331 19.64 10.42 4.88
C ARG A 331 19.96 10.97 6.27
N GLU A 332 19.88 10.13 7.30
CA GLU A 332 20.09 10.62 8.66
C GLU A 332 21.58 10.74 9.04
N GLU A 333 22.45 10.28 8.14
CA GLU A 333 23.90 10.46 8.28
C GLU A 333 24.48 9.64 9.45
N GLU A 342 15.06 -4.91 17.05
CA GLU A 342 15.40 -5.06 18.47
C GLU A 342 14.41 -5.92 19.33
N CYS A 343 13.14 -5.97 18.94
CA CYS A 343 12.08 -6.68 19.69
C CYS A 343 12.00 -6.37 21.17
N LYS A 344 11.93 -5.11 21.46
CA LYS A 344 11.80 -4.68 22.82
C LYS A 344 10.32 -4.62 23.19
N LYS A 345 9.46 -4.42 22.19
CA LYS A 345 8.06 -4.16 22.46
C LYS A 345 7.21 -4.56 21.25
N VAL A 346 5.93 -4.84 21.49
CA VAL A 346 4.99 -5.07 20.41
C VAL A 346 3.95 -4.00 20.42
N ARG A 347 3.88 -3.17 19.39
CA ARG A 347 2.85 -2.16 19.36
C ARG A 347 1.56 -2.72 18.67
N TRP A 348 0.53 -2.91 19.46
CA TRP A 348 -0.73 -3.36 19.00
C TRP A 348 -1.55 -2.20 18.44
N CYS A 349 -2.34 -2.50 17.40
CA CYS A 349 -3.24 -1.53 16.79
C CYS A 349 -4.68 -1.84 17.20
N ALA A 350 -5.22 -0.95 18.07
CA ALA A 350 -6.55 -1.04 18.60
C ALA A 350 -7.48 -0.14 17.86
N ILE A 351 -8.73 -0.55 17.69
CA ILE A 351 -9.67 0.20 16.91
C ILE A 351 -10.76 0.70 17.78
N GLY A 352 -10.73 2.00 17.98
CA GLY A 352 -11.71 2.65 18.84
C GLY A 352 -11.47 2.52 20.32
N HIS A 353 -12.33 3.19 21.03
CA HIS A 353 -12.19 3.34 22.48
C HIS A 353 -12.22 2.10 23.33
N GLU A 354 -13.16 1.21 23.10
CA GLU A 354 -13.16 0.05 23.90
C GLU A 354 -11.97 -0.85 23.66
N GLU A 355 -11.55 -1.03 22.41
CA GLU A 355 -10.33 -1.84 22.20
C GLU A 355 -9.11 -1.14 22.78
N THR A 356 -9.05 0.17 22.71
CA THR A 356 -7.93 0.89 23.32
C THR A 356 -7.84 0.71 24.88
N GLN A 357 -8.96 0.77 25.55
CA GLN A 357 -9.00 0.53 26.99
C GLN A 357 -8.51 -0.92 27.32
N LYS A 358 -8.92 -1.95 26.54
CA LYS A 358 -8.45 -3.31 26.79
C LYS A 358 -6.96 -3.38 26.51
N CYS A 359 -6.56 -2.68 25.48
CA CYS A 359 -5.15 -2.63 25.15
C CYS A 359 -4.31 -2.03 26.31
N ASP A 360 -4.83 -0.93 26.82
CA ASP A 360 -4.15 -0.17 27.91
C ASP A 360 -3.99 -1.05 29.10
N ALA A 361 -5.02 -1.80 29.44
CA ALA A 361 -4.91 -2.76 30.50
C ALA A 361 -3.82 -3.80 30.23
N TRP A 362 -3.74 -4.24 29.00
CA TRP A 362 -2.76 -5.27 28.66
C TRP A 362 -1.37 -4.71 28.80
N SER A 363 -1.18 -3.53 28.32
CA SER A 363 0.04 -2.82 28.40
C SER A 363 0.51 -2.76 29.86
N ILE A 364 -0.37 -2.31 30.74
CA ILE A 364 0.01 -2.22 32.14
C ILE A 364 0.37 -3.60 32.70
N ASN A 365 -0.43 -4.61 32.41
CA ASN A 365 -0.22 -5.89 33.01
C ASN A 365 1.02 -6.56 32.46
N SER A 366 1.38 -6.25 31.22
CA SER A 366 2.51 -6.84 30.55
C SER A 366 3.81 -6.14 30.93
N GLY A 367 3.73 -5.05 31.70
CA GLY A 367 4.90 -4.31 32.13
C GLY A 367 5.52 -3.58 30.98
N GLY A 368 4.69 -3.07 30.07
CA GLY A 368 5.15 -2.41 28.87
C GLY A 368 5.66 -3.24 27.69
N LYS A 369 5.64 -4.56 27.68
CA LYS A 369 6.03 -5.31 26.48
C LYS A 369 4.99 -5.02 25.34
N ILE A 370 3.73 -4.80 25.69
CA ILE A 370 2.77 -4.39 24.72
C ILE A 370 2.54 -2.89 24.86
N GLU A 371 2.52 -2.19 23.74
CA GLU A 371 2.15 -0.78 23.66
C GLU A 371 0.96 -0.71 22.77
N CYS A 372 0.26 0.41 22.82
CA CYS A 372 -0.99 0.57 22.15
C CYS A 372 -1.00 1.71 21.20
N VAL A 373 -1.43 1.45 19.97
CA VAL A 373 -1.59 2.49 19.00
C VAL A 373 -3.06 2.40 18.56
N SER A 374 -3.71 3.56 18.36
CA SER A 374 -5.13 3.66 18.02
C SER A 374 -5.45 4.14 16.62
N ALA A 375 -6.54 3.64 16.08
CA ALA A 375 -7.04 4.06 14.78
C ALA A 375 -8.56 3.91 14.80
N GLU A 376 -9.23 4.51 13.84
CA GLU A 376 -10.70 4.48 13.90
C GLU A 376 -11.32 3.36 13.07
N ASN A 377 -10.53 2.67 12.25
CA ASN A 377 -11.06 1.52 11.56
C ASN A 377 -9.97 0.54 11.20
N THR A 378 -10.43 -0.59 10.65
CA THR A 378 -9.52 -1.67 10.38
C THR A 378 -8.49 -1.24 9.36
N GLU A 379 -8.92 -0.62 8.28
CA GLU A 379 -8.00 -0.22 7.23
C GLU A 379 -6.91 0.74 7.65
N ASP A 380 -7.24 1.67 8.50
CA ASP A 380 -6.24 2.61 9.02
C ASP A 380 -5.21 1.89 9.89
N CYS A 381 -5.64 0.89 10.68
CA CYS A 381 -4.72 0.03 11.44
C CYS A 381 -3.77 -0.76 10.57
N ILE A 382 -4.27 -1.34 9.48
CA ILE A 382 -3.45 -2.13 8.59
C ILE A 382 -2.38 -1.25 7.93
N ALA A 383 -2.78 -0.07 7.55
CA ALA A 383 -1.87 0.88 6.94
C ALA A 383 -0.79 1.30 7.92
N LYS A 384 -1.14 1.50 9.18
CA LYS A 384 -0.09 1.83 10.18
C LYS A 384 0.93 0.72 10.32
N ILE A 385 0.46 -0.50 10.26
CA ILE A 385 1.33 -1.66 10.36
C ILE A 385 2.31 -1.72 9.14
N VAL A 386 1.79 -1.61 7.96
CA VAL A 386 2.58 -1.55 6.73
C VAL A 386 3.61 -0.42 6.80
N LYS A 387 3.20 0.73 7.27
CA LYS A 387 4.16 1.84 7.37
C LYS A 387 5.13 1.81 8.56
N GLY A 388 4.94 0.94 9.54
CA GLY A 388 5.88 0.90 10.67
C GLY A 388 5.44 1.69 11.87
N GLU A 389 4.20 2.18 11.90
CA GLU A 389 3.69 2.92 13.04
C GLU A 389 3.05 2.01 14.06
N ALA A 390 2.69 0.79 13.65
CA ALA A 390 2.31 -0.22 14.58
C ALA A 390 2.93 -1.56 14.11
N ASP A 391 2.83 -2.62 14.92
CA ASP A 391 3.37 -3.91 14.60
C ASP A 391 2.41 -5.07 14.36
N ALA A 392 1.25 -5.08 15.01
CA ALA A 392 0.37 -6.24 14.93
C ALA A 392 -1.07 -5.94 15.33
N MET A 393 -1.95 -6.78 14.84
CA MET A 393 -3.36 -6.84 15.25
C MET A 393 -3.93 -8.16 14.74
N SER A 394 -5.10 -8.54 15.27
CA SER A 394 -5.75 -9.73 14.83
C SER A 394 -6.90 -9.37 13.84
N LEU A 395 -7.02 -10.14 12.76
CA LEU A 395 -7.92 -9.82 11.66
C LEU A 395 -8.77 -10.99 11.20
N ASP A 396 -9.96 -10.69 10.77
CA ASP A 396 -10.79 -11.60 10.07
C ASP A 396 -10.15 -11.94 8.69
N GLY A 397 -10.45 -13.11 8.15
CA GLY A 397 -9.84 -13.57 6.92
C GLY A 397 -9.96 -12.54 5.76
N GLY A 398 -11.13 -11.88 5.68
CA GLY A 398 -11.37 -10.91 4.62
C GLY A 398 -10.30 -9.82 4.66
N TYR A 399 -9.97 -9.41 5.87
CA TYR A 399 -8.94 -8.41 6.08
C TYR A 399 -7.52 -8.98 6.00
N ILE A 400 -7.32 -10.24 6.33
CA ILE A 400 -6.02 -10.84 6.10
C ILE A 400 -5.71 -10.79 4.61
N TYR A 401 -6.72 -11.04 3.80
CA TYR A 401 -6.57 -10.97 2.36
C TYR A 401 -6.06 -9.56 1.96
N ILE A 402 -6.76 -8.53 2.38
CA ILE A 402 -6.31 -7.17 2.12
C ILE A 402 -4.88 -6.87 2.68
N ALA A 403 -4.64 -7.25 3.91
CA ALA A 403 -3.35 -7.00 4.47
C ALA A 403 -2.29 -7.77 3.72
N GLY A 404 -2.65 -8.98 3.31
CA GLY A 404 -1.66 -9.79 2.60
C GLY A 404 -1.31 -9.09 1.26
N LYS A 405 -2.27 -8.46 0.63
CA LYS A 405 -1.98 -7.75 -0.60
C LYS A 405 -1.07 -6.57 -0.29
N CYS A 406 -1.17 -6.01 0.95
CA CYS A 406 -0.35 -4.92 1.27
C CYS A 406 1.03 -5.50 1.75
N GLY A 407 1.20 -6.80 1.79
CA GLY A 407 2.50 -7.37 2.16
C GLY A 407 2.63 -7.84 3.60
N LEU A 408 1.57 -7.81 4.43
CA LEU A 408 1.66 -8.38 5.78
C LEU A 408 1.51 -9.90 5.76
N VAL A 409 1.91 -10.57 6.81
CA VAL A 409 2.01 -11.98 6.88
C VAL A 409 1.34 -12.50 8.18
N PRO A 410 0.62 -13.61 8.11
CA PRO A 410 -0.01 -14.22 9.27
C PRO A 410 1.04 -14.76 10.23
N VAL A 411 0.88 -14.50 11.51
CA VAL A 411 1.87 -14.80 12.56
C VAL A 411 1.41 -15.95 13.48
N LEU A 412 0.18 -15.84 14.01
CA LEU A 412 -0.42 -16.86 14.85
C LEU A 412 -1.91 -16.87 14.50
N ALA A 413 -2.56 -18.02 14.57
CA ALA A 413 -3.96 -18.08 14.30
C ALA A 413 -4.78 -18.06 15.60
N GLU A 414 -5.97 -17.45 15.58
CA GLU A 414 -6.90 -17.65 16.73
C GLU A 414 -7.44 -19.07 16.50
N ASN A 415 -7.51 -19.87 17.54
CA ASN A 415 -8.19 -21.17 17.56
C ASN A 415 -9.46 -21.11 18.37
N TYR A 416 -10.48 -21.83 17.93
CA TYR A 416 -11.80 -21.82 18.57
C TYR A 416 -12.31 -23.17 19.06
N LYS A 417 -11.77 -24.24 18.52
CA LYS A 417 -12.28 -25.56 18.83
C LYS A 417 -11.44 -26.38 19.78
N THR A 418 -10.15 -26.13 19.83
CA THR A 418 -9.22 -26.95 20.59
C THR A 418 -8.96 -26.36 21.96
N GLU A 419 -9.34 -27.06 23.02
CA GLU A 419 -9.13 -26.52 24.38
C GLU A 419 -7.90 -27.14 25.03
N GLY A 420 -7.26 -26.43 25.95
CA GLY A 420 -6.14 -27.00 26.66
C GLY A 420 -4.75 -26.77 26.10
N GLU A 421 -3.81 -27.62 26.55
CA GLU A 421 -2.41 -27.44 26.25
C GLU A 421 -2.02 -27.76 24.82
N ASN A 422 -2.73 -28.61 24.13
CA ASN A 422 -2.37 -28.84 22.73
C ASN A 422 -2.91 -27.75 21.75
N CYS A 423 -3.74 -26.84 22.25
CA CYS A 423 -4.34 -25.81 21.43
C CYS A 423 -3.32 -25.08 20.57
N VAL A 424 -2.20 -24.65 21.14
CA VAL A 424 -1.17 -23.87 20.45
C VAL A 424 -0.49 -24.63 19.30
N ASN A 425 -0.54 -25.97 19.36
CA ASN A 425 0.09 -26.75 18.32
C ASN A 425 -0.92 -27.43 17.45
N THR A 426 -2.22 -27.05 17.52
CA THR A 426 -3.18 -27.74 16.66
C THR A 426 -3.76 -26.83 15.61
N PRO A 427 -3.58 -27.13 14.34
CA PRO A 427 -4.16 -26.32 13.24
C PRO A 427 -5.60 -26.65 13.02
N GLU A 428 -6.46 -25.68 12.83
CA GLU A 428 -7.87 -25.92 12.68
C GLU A 428 -8.19 -25.60 11.25
N LYS A 429 -9.16 -26.26 10.75
CA LYS A 429 -9.61 -26.12 9.37
C LYS A 429 -10.37 -24.81 9.10
N GLY A 430 -11.14 -24.35 10.07
CA GLY A 430 -11.81 -23.10 9.95
C GLY A 430 -13.14 -23.08 10.64
N TYR A 431 -13.82 -21.93 10.68
CA TYR A 431 -15.12 -21.85 11.24
C TYR A 431 -16.07 -21.83 10.06
N LEU A 432 -17.39 -21.72 10.26
CA LEU A 432 -18.36 -21.78 9.17
C LEU A 432 -19.12 -20.48 9.07
N ALA A 433 -19.26 -20.01 7.86
CA ALA A 433 -20.10 -18.86 7.54
C ALA A 433 -21.52 -19.36 7.29
N VAL A 434 -22.50 -18.83 8.01
CA VAL A 434 -23.89 -19.30 7.92
C VAL A 434 -24.83 -18.13 7.71
N ALA A 435 -26.08 -18.41 7.42
CA ALA A 435 -27.12 -17.41 7.28
C ALA A 435 -28.19 -17.84 8.27
N VAL A 436 -28.46 -16.96 9.20
CA VAL A 436 -29.32 -17.16 10.32
C VAL A 436 -30.59 -16.31 10.14
N VAL A 437 -31.71 -16.99 10.37
CA VAL A 437 -33.08 -16.41 10.33
C VAL A 437 -33.86 -16.82 11.57
N LYS A 438 -34.90 -16.06 11.87
CA LYS A 438 -35.85 -16.35 12.92
C LYS A 438 -36.74 -17.52 12.51
N LYS A 439 -36.89 -18.47 13.38
CA LYS A 439 -37.75 -19.59 13.10
C LYS A 439 -39.17 -19.11 12.71
N SER A 440 -39.65 -18.05 13.32
CA SER A 440 -40.95 -17.49 13.04
C SER A 440 -41.13 -16.99 11.59
N SER A 441 -40.03 -16.72 10.86
CA SER A 441 -40.22 -16.29 9.48
C SER A 441 -40.77 -17.47 8.66
N GLY A 442 -41.72 -17.16 7.80
CA GLY A 442 -42.33 -18.14 6.95
C GLY A 442 -41.36 -18.77 5.97
N PRO A 443 -41.81 -19.85 5.35
CA PRO A 443 -41.01 -20.60 4.39
C PRO A 443 -40.67 -19.89 3.10
N ASP A 444 -41.32 -18.78 2.77
CA ASP A 444 -40.93 -18.02 1.58
C ASP A 444 -39.53 -17.44 1.81
N LEU A 445 -39.15 -17.23 3.07
CA LEU A 445 -37.78 -16.82 3.37
C LEU A 445 -36.85 -18.02 3.35
N ASN A 446 -36.10 -18.16 2.28
CA ASN A 446 -35.07 -19.17 2.16
C ASN A 446 -34.00 -18.66 1.22
N TRP A 447 -32.97 -19.48 1.06
CA TRP A 447 -31.79 -19.07 0.29
C TRP A 447 -32.08 -18.61 -1.15
N ASN A 448 -33.05 -19.22 -1.79
CA ASN A 448 -33.36 -18.84 -3.16
C ASN A 448 -34.32 -17.66 -3.25
N ASN A 449 -34.82 -17.21 -2.12
CA ASN A 449 -35.76 -16.13 -2.11
C ASN A 449 -35.32 -14.95 -1.24
N LEU A 450 -34.06 -14.50 -1.35
CA LEU A 450 -33.60 -13.38 -0.55
C LEU A 450 -33.86 -12.01 -1.15
N LYS A 451 -34.18 -11.98 -2.42
CA LYS A 451 -34.44 -10.70 -3.09
C LYS A 451 -35.45 -9.85 -2.34
N GLY A 452 -35.09 -8.63 -2.05
CA GLY A 452 -35.97 -7.76 -1.36
C GLY A 452 -35.96 -7.95 0.13
N LYS A 453 -35.25 -8.95 0.64
CA LYS A 453 -35.21 -9.14 2.10
C LYS A 453 -34.26 -8.15 2.84
N LYS A 454 -34.40 -8.03 4.16
CA LYS A 454 -33.55 -7.14 4.94
C LYS A 454 -32.40 -7.90 5.53
N SER A 455 -31.18 -7.52 5.14
CA SER A 455 -29.95 -8.26 5.55
C SER A 455 -29.12 -7.54 6.65
N CYS A 456 -28.51 -8.33 7.49
CA CYS A 456 -27.60 -7.90 8.53
C CYS A 456 -26.24 -8.57 8.35
N HIS A 457 -25.18 -7.78 8.30
CA HIS A 457 -23.86 -8.20 7.91
C HIS A 457 -22.83 -7.69 8.94
N THR A 458 -21.80 -8.48 9.26
CA THR A 458 -20.84 -8.04 10.23
C THR A 458 -20.17 -6.75 9.84
N ALA A 459 -19.73 -6.69 8.58
CA ALA A 459 -19.17 -5.51 7.92
C ALA A 459 -18.84 -5.91 6.49
N VAL A 460 -18.70 -4.91 5.62
CA VAL A 460 -18.26 -5.13 4.28
C VAL A 460 -16.84 -5.68 4.40
N ASP A 461 -16.47 -6.53 3.47
CA ASP A 461 -15.18 -7.17 3.38
C ASP A 461 -14.77 -8.23 4.42
N ARG A 462 -15.60 -8.57 5.36
CA ARG A 462 -15.32 -9.66 6.28
C ARG A 462 -15.82 -10.96 5.74
N THR A 463 -15.27 -12.07 6.19
CA THR A 463 -15.58 -13.40 5.67
C THR A 463 -17.08 -13.82 5.68
N ALA A 464 -17.65 -14.07 6.87
CA ALA A 464 -18.96 -14.52 7.00
C ALA A 464 -19.99 -13.44 6.71
N GLY A 465 -19.64 -12.25 7.06
CA GLY A 465 -20.52 -11.15 6.84
C GLY A 465 -20.72 -10.66 5.41
N TRP A 466 -19.73 -10.86 4.56
CA TRP A 466 -19.72 -10.30 3.25
C TRP A 466 -19.14 -11.20 2.14
N ASN A 467 -17.86 -11.54 2.21
CA ASN A 467 -17.21 -12.23 1.10
C ASN A 467 -17.87 -13.54 0.75
N ILE A 468 -18.19 -14.38 1.74
CA ILE A 468 -18.80 -15.67 1.40
C ILE A 468 -20.20 -15.48 0.85
N PRO A 469 -21.14 -14.85 1.57
CA PRO A 469 -22.49 -14.71 1.03
C PRO A 469 -22.61 -13.87 -0.22
N MET A 470 -21.94 -12.71 -0.27
CA MET A 470 -22.05 -11.86 -1.41
C MET A 470 -21.35 -12.50 -2.60
N GLY A 471 -20.29 -13.23 -2.36
CA GLY A 471 -19.69 -14.03 -3.42
C GLY A 471 -20.65 -15.04 -4.04
N LEU A 472 -21.38 -15.78 -3.21
CA LEU A 472 -22.39 -16.72 -3.70
C LEU A 472 -23.48 -16.03 -4.51
N LEU A 473 -23.95 -14.90 -4.04
CA LEU A 473 -24.98 -14.14 -4.70
C LEU A 473 -24.53 -13.56 -6.00
N TYR A 474 -23.31 -13.02 -6.03
CA TYR A 474 -22.70 -12.50 -7.27
C TYR A 474 -22.71 -13.58 -8.33
N ASN A 475 -22.43 -14.81 -7.95
CA ASN A 475 -22.46 -15.83 -8.96
C ASN A 475 -23.90 -16.00 -9.56
N LYS A 476 -24.95 -15.68 -8.82
CA LYS A 476 -26.30 -15.79 -9.36
C LYS A 476 -26.79 -14.57 -10.13
N ILE A 477 -26.59 -13.35 -9.60
CA ILE A 477 -27.14 -12.17 -10.19
C ILE A 477 -26.20 -11.44 -11.14
N ASN A 478 -24.95 -11.86 -11.15
CA ASN A 478 -23.93 -11.28 -11.97
C ASN A 478 -23.93 -9.77 -11.94
N SER A 479 -23.95 -9.20 -10.73
CA SER A 479 -23.92 -7.74 -10.59
C SER A 479 -23.39 -7.37 -9.21
N CYS A 480 -22.70 -6.23 -9.12
CA CYS A 480 -22.15 -5.76 -7.87
C CYS A 480 -23.14 -4.95 -7.12
N LYS A 481 -24.32 -4.70 -7.68
CA LYS A 481 -25.28 -3.84 -7.02
C LYS A 481 -26.14 -4.53 -5.98
N PHE A 482 -25.48 -4.97 -4.91
CA PHE A 482 -26.15 -5.72 -3.85
C PHE A 482 -27.23 -4.94 -3.19
N ASP A 483 -27.05 -3.64 -3.13
CA ASP A 483 -28.03 -2.80 -2.53
C ASP A 483 -29.31 -2.69 -3.36
N GLN A 484 -29.27 -3.17 -4.59
CA GLN A 484 -30.49 -3.23 -5.39
C GLN A 484 -31.13 -4.61 -5.32
N PHE A 485 -30.41 -5.59 -4.76
CA PHE A 485 -30.93 -6.95 -4.62
C PHE A 485 -31.71 -7.04 -3.33
N PHE A 486 -31.04 -6.72 -2.22
CA PHE A 486 -31.65 -6.69 -0.91
C PHE A 486 -32.55 -5.49 -0.81
N GLY A 487 -33.44 -5.50 0.16
CA GLY A 487 -34.34 -4.37 0.34
C GLY A 487 -33.72 -3.15 0.98
N GLU A 488 -33.24 -3.38 2.19
CA GLU A 488 -32.67 -2.43 3.12
C GLU A 488 -31.82 -3.30 4.15
N GLY A 489 -30.62 -2.87 4.50
CA GLY A 489 -29.86 -3.60 5.48
C GLY A 489 -28.92 -2.82 6.30
N CYS A 490 -28.14 -3.55 7.12
CA CYS A 490 -27.01 -2.97 7.84
C CYS A 490 -25.76 -3.75 7.48
N ALA A 491 -24.93 -3.15 6.67
CA ALA A 491 -23.64 -3.69 6.27
C ALA A 491 -22.61 -2.60 6.55
N PRO A 492 -22.14 -2.56 7.77
CA PRO A 492 -21.23 -1.51 8.20
C PRO A 492 -20.02 -1.36 7.26
N GLY A 493 -19.65 -0.13 6.96
CA GLY A 493 -18.65 0.13 5.98
C GLY A 493 -19.23 0.41 4.61
N SER A 494 -20.52 0.26 4.44
CA SER A 494 -21.09 0.55 3.13
C SER A 494 -21.24 2.12 3.04
N GLN A 495 -21.49 2.52 1.82
CA GLN A 495 -21.75 3.91 1.43
C GLN A 495 -22.88 4.40 2.24
N ARG A 496 -22.68 5.53 2.89
CA ARG A 496 -23.61 6.05 3.84
C ARG A 496 -25.03 6.27 3.36
N ASN A 497 -25.18 6.65 2.11
CA ASN A 497 -26.53 6.88 1.63
C ASN A 497 -27.09 5.64 0.89
N SER A 498 -26.39 4.51 0.93
CA SER A 498 -26.89 3.22 0.44
C SER A 498 -28.01 2.66 1.30
N SER A 499 -28.90 1.94 0.66
CA SER A 499 -29.89 1.20 1.42
C SER A 499 -29.26 0.07 2.29
N LEU A 500 -27.97 -0.23 2.09
CA LEU A 500 -27.28 -1.21 2.94
C LEU A 500 -26.78 -0.57 4.24
N CYS A 501 -27.07 0.73 4.41
CA CYS A 501 -26.82 1.39 5.67
C CYS A 501 -28.13 1.74 6.39
N ALA A 502 -29.25 1.54 5.73
CA ALA A 502 -30.53 2.01 6.28
C ALA A 502 -31.00 1.39 7.55
N LEU A 503 -30.69 0.13 7.84
CA LEU A 503 -31.11 -0.40 9.14
C LEU A 503 -30.10 -0.14 10.26
N CYS A 504 -28.94 0.40 9.93
CA CYS A 504 -27.91 0.56 10.99
C CYS A 504 -28.38 1.58 12.03
N ILE A 505 -27.98 1.46 13.28
CA ILE A 505 -28.49 2.37 14.29
C ILE A 505 -27.44 3.17 15.01
N GLY A 506 -26.17 2.99 14.61
CA GLY A 506 -25.11 3.79 15.19
C GLY A 506 -24.95 3.59 16.67
N SER A 507 -24.56 4.65 17.33
CA SER A 507 -24.28 4.64 18.75
C SER A 507 -25.42 5.24 19.65
N GLU A 508 -25.53 4.76 20.87
CA GLU A 508 -26.51 5.23 21.80
C GLU A 508 -26.14 6.59 22.38
N ARG A 509 -24.85 6.91 22.44
CA ARG A 509 -24.36 8.12 23.08
C ARG A 509 -24.12 9.25 22.11
N ALA A 510 -23.52 8.93 20.97
CA ALA A 510 -23.25 9.97 20.00
C ALA A 510 -23.96 9.76 18.67
N PRO A 511 -24.51 10.84 18.16
CA PRO A 511 -25.22 10.83 16.88
C PRO A 511 -24.28 10.80 15.70
N GLY A 512 -24.82 10.44 14.56
CA GLY A 512 -24.03 10.45 13.35
C GLY A 512 -23.05 9.29 13.12
N ARG A 513 -23.07 8.28 14.00
CA ARG A 513 -22.22 7.07 13.86
C ARG A 513 -22.80 5.90 13.04
N GLU A 514 -23.97 6.07 12.43
CA GLU A 514 -24.60 4.99 11.68
C GLU A 514 -23.74 4.43 10.56
N CYS A 515 -23.68 3.12 10.51
CA CYS A 515 -23.04 2.39 9.45
C CYS A 515 -21.52 2.40 9.43
N LEU A 516 -20.92 2.90 10.48
CA LEU A 516 -19.45 2.87 10.57
C LEU A 516 -18.99 1.42 10.85
N ALA A 517 -17.88 1.05 10.27
CA ALA A 517 -17.38 -0.29 10.48
C ALA A 517 -16.48 -0.36 11.70
N ASN A 518 -17.00 -0.07 12.90
CA ASN A 518 -16.25 -0.09 14.13
C ASN A 518 -17.24 -0.15 15.25
N ASN A 519 -16.75 -0.23 16.49
CA ASN A 519 -17.64 -0.41 17.59
C ASN A 519 -18.59 0.75 17.94
N HIS A 520 -18.57 1.86 17.22
CA HIS A 520 -19.57 2.90 17.41
C HIS A 520 -20.94 2.47 16.89
N GLU A 521 -20.91 1.59 15.90
CA GLU A 521 -22.08 0.99 15.33
C GLU A 521 -22.47 -0.21 16.12
N ARG A 522 -23.65 -0.13 16.75
CA ARG A 522 -24.17 -1.24 17.54
C ARG A 522 -24.49 -2.51 16.73
N TYR A 523 -24.74 -2.39 15.45
CA TYR A 523 -24.94 -3.60 14.66
C TYR A 523 -23.63 -4.11 13.97
N TYR A 524 -22.48 -3.61 14.38
CA TYR A 524 -21.19 -4.04 13.80
C TYR A 524 -20.71 -5.34 14.42
N GLY A 525 -20.09 -6.22 13.64
CA GLY A 525 -19.51 -7.41 14.19
C GLY A 525 -20.45 -8.60 14.31
N TYR A 526 -19.96 -9.76 14.79
CA TYR A 526 -20.80 -10.95 14.82
C TYR A 526 -22.08 -10.77 15.67
N THR A 527 -21.87 -10.28 16.88
CA THR A 527 -22.93 -10.06 17.84
C THR A 527 -23.90 -9.00 17.37
N GLY A 528 -23.33 -7.93 16.88
CA GLY A 528 -24.00 -6.86 16.22
C GLY A 528 -24.95 -7.26 15.13
N ALA A 529 -24.46 -8.06 14.21
CA ALA A 529 -25.31 -8.53 13.14
C ALA A 529 -26.45 -9.45 13.63
N PHE A 530 -26.20 -10.20 14.71
CA PHE A 530 -27.20 -11.06 15.30
C PHE A 530 -28.25 -10.16 16.00
N ARG A 531 -27.81 -9.06 16.59
CA ARG A 531 -28.74 -8.10 17.22
C ARG A 531 -29.58 -7.46 16.11
N CYS A 532 -28.94 -7.06 15.01
CA CYS A 532 -29.70 -6.57 13.86
C CYS A 532 -30.80 -7.53 13.42
N LEU A 533 -30.50 -8.82 13.35
CA LEU A 533 -31.51 -9.80 12.99
C LEU A 533 -32.66 -9.80 13.99
N VAL A 534 -32.34 -9.77 15.26
CA VAL A 534 -33.35 -9.81 16.26
C VAL A 534 -34.22 -8.54 16.20
N GLU A 535 -33.63 -7.39 15.97
CA GLU A 535 -34.45 -6.19 16.08
C GLU A 535 -35.06 -5.76 14.76
N LYS A 536 -34.40 -5.99 13.62
CA LYS A 536 -34.93 -5.43 12.39
C LYS A 536 -34.86 -6.23 11.16
N GLY A 537 -33.84 -7.08 10.97
CA GLY A 537 -33.61 -7.76 9.72
C GLY A 537 -34.37 -9.07 9.49
N ASP A 538 -34.22 -9.64 8.31
CA ASP A 538 -34.72 -10.94 8.07
C ASP A 538 -33.64 -12.02 8.11
N VAL A 539 -32.42 -11.69 7.71
CA VAL A 539 -31.31 -12.66 7.69
C VAL A 539 -30.02 -12.02 8.14
N ALA A 540 -29.25 -12.78 8.94
CA ALA A 540 -27.92 -12.34 9.36
C ALA A 540 -26.85 -13.23 8.75
N PHE A 541 -25.78 -12.60 8.24
CA PHE A 541 -24.66 -13.35 7.64
C PHE A 541 -23.52 -13.26 8.67
N VAL A 542 -23.29 -14.38 9.35
CA VAL A 542 -22.48 -14.44 10.52
C VAL A 542 -21.79 -15.79 10.69
N LYS A 543 -20.97 -15.90 11.73
CA LYS A 543 -20.31 -17.15 12.05
C LYS A 543 -21.26 -18.11 12.71
N ASP A 544 -20.96 -19.39 12.55
CA ASP A 544 -21.59 -20.39 13.39
C ASP A 544 -21.20 -20.14 14.82
N GLN A 545 -22.14 -20.46 15.71
CA GLN A 545 -22.01 -20.33 17.13
C GLN A 545 -22.45 -18.95 17.61
N VAL A 546 -22.72 -17.98 16.75
CA VAL A 546 -23.12 -16.68 17.34
C VAL A 546 -24.45 -16.82 18.08
N VAL A 547 -25.33 -17.64 17.56
CA VAL A 547 -26.62 -17.84 18.25
C VAL A 547 -26.45 -18.50 19.60
N GLN A 548 -25.78 -19.64 19.64
CA GLN A 548 -25.52 -20.32 20.90
C GLN A 548 -24.82 -19.41 21.93
N GLN A 549 -23.95 -18.52 21.47
CA GLN A 549 -23.22 -17.70 22.43
C GLN A 549 -24.01 -16.54 22.97
N ASN A 550 -25.15 -16.23 22.38
CA ASN A 550 -25.89 -15.07 22.85
C ASN A 550 -27.34 -15.38 23.22
N THR A 551 -27.67 -16.65 23.39
CA THR A 551 -29.02 -17.08 23.79
C THR A 551 -29.02 -17.90 25.08
N ASP A 552 -30.21 -18.22 25.55
CA ASP A 552 -30.45 -19.01 26.77
C ASP A 552 -29.73 -18.46 27.97
N GLY A 553 -29.69 -17.16 28.06
CA GLY A 553 -29.08 -16.49 29.17
C GLY A 553 -27.59 -16.17 29.07
N LYS A 554 -26.88 -16.54 28.00
CA LYS A 554 -25.44 -16.23 28.01
C LYS A 554 -25.17 -14.78 27.80
N ASN A 555 -26.06 -14.04 27.15
CA ASN A 555 -25.89 -12.60 26.97
C ASN A 555 -26.98 -11.89 27.79
N LYS A 556 -26.57 -11.02 28.70
CA LYS A 556 -27.53 -10.42 29.65
C LYS A 556 -28.04 -9.04 29.27
N ASP A 557 -27.64 -8.54 28.12
CA ASP A 557 -28.13 -7.27 27.68
C ASP A 557 -29.61 -7.39 27.37
N ASP A 558 -30.30 -6.29 27.55
CA ASP A 558 -31.74 -6.16 27.32
C ASP A 558 -32.19 -6.87 26.04
N TRP A 559 -31.55 -6.58 24.93
CA TRP A 559 -32.00 -7.18 23.67
C TRP A 559 -31.87 -8.67 23.58
N ALA A 560 -31.00 -9.29 24.38
CA ALA A 560 -30.76 -10.72 24.25
C ALA A 560 -31.20 -11.60 25.37
N LYS A 561 -31.42 -11.04 26.56
CA LYS A 561 -31.71 -11.86 27.75
C LYS A 561 -32.83 -12.90 27.67
N ASP A 562 -33.84 -12.67 26.87
CA ASP A 562 -34.94 -13.63 26.73
C ASP A 562 -34.89 -14.53 25.50
N LEU A 563 -33.96 -14.28 24.58
CA LEU A 563 -33.83 -15.13 23.38
C LEU A 563 -33.49 -16.57 23.69
N LYS A 564 -33.94 -17.46 22.83
CA LYS A 564 -33.66 -18.86 22.94
C LYS A 564 -33.09 -19.40 21.64
N GLN A 565 -32.18 -20.35 21.79
CA GLN A 565 -31.49 -20.94 20.67
C GLN A 565 -32.49 -21.51 19.68
N MET A 566 -33.54 -22.15 20.19
CA MET A 566 -34.51 -22.78 19.34
C MET A 566 -35.35 -21.84 18.50
N ASP A 567 -35.32 -20.55 18.80
CA ASP A 567 -36.07 -19.61 18.00
C ASP A 567 -35.37 -19.17 16.70
N PHE A 568 -34.26 -19.81 16.36
CA PHE A 568 -33.50 -19.45 15.16
C PHE A 568 -33.17 -20.68 14.35
N GLU A 569 -32.94 -20.49 13.06
CA GLU A 569 -32.64 -21.52 12.18
C GLU A 569 -31.57 -21.00 11.17
N LEU A 570 -31.04 -21.91 10.40
CA LEU A 570 -30.04 -21.64 9.39
C LEU A 570 -30.66 -21.89 8.06
N LEU A 571 -30.30 -21.07 7.08
CA LEU A 571 -30.65 -21.27 5.68
C LEU A 571 -29.58 -22.07 5.01
N CYS A 572 -29.96 -23.18 4.39
CA CYS A 572 -29.03 -24.02 3.65
C CYS A 572 -29.12 -23.69 2.17
N GLN A 573 -28.07 -23.96 1.44
CA GLN A 573 -28.08 -23.59 0.02
C GLN A 573 -29.09 -24.32 -0.90
N ASN A 574 -29.61 -25.44 -0.44
CA ASN A 574 -30.52 -26.21 -1.27
C ASN A 574 -31.90 -25.76 -1.03
N GLY A 575 -32.07 -24.69 -0.27
CA GLY A 575 -33.39 -24.20 0.03
C GLY A 575 -33.95 -24.66 1.34
N ALA A 576 -33.40 -25.70 1.95
CA ALA A 576 -33.91 -26.13 3.24
C ALA A 576 -33.50 -25.20 4.43
N ARG A 577 -34.02 -25.51 5.61
CA ARG A 577 -33.66 -24.83 6.86
C ARG A 577 -33.21 -25.89 7.89
N GLU A 578 -32.26 -25.55 8.76
CA GLU A 578 -31.82 -26.49 9.77
C GLU A 578 -31.70 -25.78 11.09
N PRO A 579 -31.83 -26.50 12.19
CA PRO A 579 -31.62 -25.91 13.48
C PRO A 579 -30.13 -25.41 13.61
N VAL A 580 -29.85 -24.53 14.55
CA VAL A 580 -28.54 -23.83 14.59
C VAL A 580 -27.43 -24.72 15.11
N ASP A 581 -27.77 -25.88 15.68
CA ASP A 581 -26.81 -26.87 16.14
C ASP A 581 -26.27 -27.71 14.94
N ASN A 582 -26.79 -27.50 13.73
CA ASN A 582 -26.39 -28.30 12.57
C ASN A 582 -25.72 -27.50 11.43
N ALA A 583 -24.89 -26.51 11.78
CA ALA A 583 -24.19 -25.76 10.75
C ALA A 583 -23.24 -26.60 9.91
N GLU A 584 -22.69 -27.67 10.46
CA GLU A 584 -21.80 -28.51 9.67
C GLU A 584 -22.51 -29.08 8.42
N ASN A 585 -23.84 -29.25 8.44
CA ASN A 585 -24.54 -29.71 7.24
C ASN A 585 -25.39 -28.63 6.55
N CYS A 586 -25.21 -27.37 6.96
CA CYS A 586 -26.03 -26.31 6.45
C CYS A 586 -25.28 -25.02 6.64
N HIS A 587 -24.30 -24.80 5.79
CA HIS A 587 -23.48 -23.59 5.86
C HIS A 587 -23.19 -23.06 4.48
N LEU A 588 -22.59 -21.88 4.36
CA LEU A 588 -22.31 -21.26 3.08
C LEU A 588 -20.94 -21.65 2.64
N ALA A 589 -19.97 -21.57 3.55
CA ALA A 589 -18.64 -22.06 3.24
C ALA A 589 -17.76 -22.08 4.50
N ARG A 590 -16.61 -22.73 4.40
CA ARG A 590 -15.58 -22.67 5.42
C ARG A 590 -14.89 -21.29 5.47
N ALA A 591 -14.62 -20.79 6.68
CA ALA A 591 -14.03 -19.52 6.90
C ALA A 591 -12.67 -19.76 7.56
N PRO A 592 -11.59 -19.23 7.04
CA PRO A 592 -10.33 -19.37 7.72
C PRO A 592 -10.36 -18.65 9.05
N ASN A 593 -9.74 -19.23 10.06
CA ASN A 593 -9.74 -18.61 11.41
C ASN A 593 -9.06 -17.26 11.33
N HIS A 594 -9.54 -16.30 12.12
CA HIS A 594 -8.90 -14.99 12.26
C HIS A 594 -7.45 -15.22 12.72
N ALA A 595 -6.58 -14.26 12.44
CA ALA A 595 -5.16 -14.39 12.73
C ALA A 595 -4.52 -13.09 12.93
N VAL A 596 -3.45 -13.12 13.70
CA VAL A 596 -2.60 -11.98 13.98
C VAL A 596 -1.67 -11.83 12.74
N VAL A 597 -1.58 -10.62 12.22
CA VAL A 597 -0.67 -10.32 11.15
C VAL A 597 0.41 -9.33 11.60
N ALA A 598 1.54 -9.31 10.90
CA ALA A 598 2.63 -8.40 11.14
C ALA A 598 3.43 -8.24 9.84
N ARG A 599 4.29 -7.26 9.81
CA ARG A 599 5.23 -7.06 8.69
C ARG A 599 6.25 -8.20 8.67
N ASP A 600 6.80 -8.51 7.50
CA ASP A 600 7.76 -9.64 7.44
C ASP A 600 8.98 -9.47 8.34
N ASP A 601 9.44 -8.25 8.57
CA ASP A 601 10.54 -8.05 9.49
C ASP A 601 10.19 -8.29 10.96
N LYS A 602 8.92 -8.35 11.38
CA LYS A 602 8.67 -8.55 12.79
C LYS A 602 8.00 -9.88 13.13
N VAL A 603 7.87 -10.78 12.17
CA VAL A 603 7.06 -11.98 12.39
C VAL A 603 7.51 -12.76 13.63
N THR A 604 8.82 -13.00 13.71
CA THR A 604 9.38 -13.79 14.80
C THR A 604 9.17 -13.16 16.15
N CYS A 605 9.47 -11.89 16.20
CA CYS A 605 9.36 -11.11 17.40
C CYS A 605 7.91 -11.13 17.84
N VAL A 606 6.96 -10.86 16.92
CA VAL A 606 5.57 -10.82 17.34
C VAL A 606 5.10 -12.18 17.85
N ALA A 607 5.43 -13.23 17.13
CA ALA A 607 5.01 -14.55 17.52
C ALA A 607 5.55 -14.97 18.87
N GLU A 608 6.85 -14.88 19.06
CA GLU A 608 7.47 -15.25 20.34
C GLU A 608 6.90 -14.51 21.56
N GLU A 609 6.74 -13.20 21.44
CA GLU A 609 6.22 -12.45 22.58
C GLU A 609 4.75 -12.87 22.85
N LEU A 610 3.94 -13.04 21.79
CA LEU A 610 2.53 -13.37 22.04
C LEU A 610 2.37 -14.70 22.70
N LEU A 611 3.22 -15.65 22.34
CA LEU A 611 3.10 -16.97 22.96
C LEU A 611 3.41 -16.83 24.48
N LYS A 612 4.34 -15.95 24.81
CA LYS A 612 4.64 -15.65 26.19
C LYS A 612 3.52 -14.87 26.84
N GLN A 613 2.90 -13.91 26.12
CA GLN A 613 1.72 -13.24 26.70
C GLN A 613 0.63 -14.19 27.03
N GLN A 614 0.32 -15.12 26.13
CA GLN A 614 -0.79 -15.97 26.46
C GLN A 614 -0.47 -16.99 27.56
N ALA A 615 0.79 -17.33 27.75
CA ALA A 615 1.18 -18.21 28.86
C ALA A 615 0.82 -17.53 30.21
N GLN A 616 0.87 -16.20 30.26
CA GLN A 616 0.43 -15.47 31.45
C GLN A 616 -1.01 -15.09 31.48
N PHE A 617 -1.55 -14.58 30.37
CA PHE A 617 -2.90 -14.04 30.34
C PHE A 617 -3.99 -14.83 29.57
N GLY A 618 -3.70 -16.05 29.16
CA GLY A 618 -4.62 -16.82 28.38
C GLY A 618 -5.80 -17.42 29.11
N ARG A 619 -6.45 -18.37 28.45
CA ARG A 619 -7.67 -19.00 28.94
C ARG A 619 -7.59 -19.67 30.28
N HIS A 620 -6.42 -20.14 30.66
CA HIS A 620 -6.25 -20.83 31.93
C HIS A 620 -6.37 -19.91 33.18
N VAL A 621 -6.40 -18.60 32.97
CA VAL A 621 -6.54 -17.66 34.08
C VAL A 621 -7.97 -17.82 34.66
N THR A 622 -8.04 -18.39 35.84
CA THR A 622 -9.34 -18.69 36.35
C THR A 622 -10.03 -17.41 36.90
N ASP A 623 -9.27 -16.36 37.24
CA ASP A 623 -9.86 -15.14 37.82
C ASP A 623 -9.55 -13.85 37.06
N CYS A 624 -10.42 -13.53 36.09
CA CYS A 624 -10.27 -12.34 35.25
C CYS A 624 -10.83 -11.15 36.01
N SER A 625 -9.96 -10.24 36.44
CA SER A 625 -10.36 -9.03 37.21
C SER A 625 -9.19 -8.60 38.04
N SER A 626 -8.65 -9.57 38.79
CA SER A 626 -7.48 -9.33 39.57
C SER A 626 -6.31 -9.41 38.63
N SER A 627 -6.46 -10.28 37.65
CA SER A 627 -5.50 -10.32 36.58
C SER A 627 -6.22 -9.96 35.28
N PHE A 628 -5.41 -9.88 34.23
CA PHE A 628 -5.82 -9.51 32.91
C PHE A 628 -6.11 -10.74 32.14
N CYS A 629 -7.13 -10.66 31.30
CA CYS A 629 -7.53 -11.78 30.41
C CYS A 629 -7.55 -11.32 28.97
N MET A 630 -6.60 -11.82 28.20
CA MET A 630 -6.43 -11.47 26.80
C MET A 630 -7.66 -11.78 25.96
N PHE A 631 -8.30 -12.90 26.24
CA PHE A 631 -9.37 -13.41 25.42
C PHE A 631 -10.75 -13.15 25.96
N LYS A 632 -10.90 -12.31 26.96
CA LYS A 632 -12.26 -11.96 27.35
C LYS A 632 -12.46 -10.50 27.06
N SER A 633 -13.66 -10.10 26.69
CA SER A 633 -13.80 -8.68 26.41
C SER A 633 -15.07 -7.99 26.95
N ASN A 634 -14.82 -6.82 27.59
CA ASN A 634 -15.83 -5.97 28.23
C ASN A 634 -17.12 -5.76 27.39
N THR A 635 -16.92 -5.56 26.10
CA THR A 635 -17.98 -5.49 25.17
C THR A 635 -18.00 -6.79 24.33
N LYS A 636 -17.42 -6.74 23.11
CA LYS A 636 -17.46 -7.85 22.10
C LYS A 636 -16.33 -7.97 20.95
N ASP A 637 -15.59 -9.06 21.10
CA ASP A 637 -14.48 -9.37 20.24
C ASP A 637 -13.46 -8.25 20.26
N LEU A 638 -13.12 -7.79 21.45
CA LEU A 638 -12.17 -6.72 21.61
C LEU A 638 -10.77 -7.33 21.49
N LEU A 639 -10.06 -6.92 20.46
CA LEU A 639 -8.73 -7.37 20.06
C LEU A 639 -8.71 -8.78 19.46
N PHE A 640 -9.32 -9.72 20.12
CA PHE A 640 -9.47 -11.09 19.59
C PHE A 640 -10.93 -11.47 19.71
N ARG A 641 -11.31 -12.52 19.00
CA ARG A 641 -12.64 -13.04 19.15
C ARG A 641 -12.80 -13.58 20.59
N ASP A 642 -13.95 -13.32 21.17
CA ASP A 642 -14.24 -13.79 22.51
C ASP A 642 -14.31 -15.28 22.69
N ASP A 643 -14.41 -16.05 21.62
CA ASP A 643 -14.42 -17.50 21.72
C ASP A 643 -13.00 -18.07 21.39
N THR A 644 -12.01 -17.20 21.33
CA THR A 644 -10.66 -17.62 21.11
C THR A 644 -10.15 -18.48 22.30
N GLN A 645 -9.72 -19.71 22.03
CA GLN A 645 -9.14 -20.59 23.06
C GLN A 645 -7.62 -20.40 23.22
N CYS A 646 -6.93 -20.05 22.14
CA CYS A 646 -5.51 -19.71 22.22
C CYS A 646 -5.15 -19.15 20.85
N LEU A 647 -3.96 -18.66 20.79
CA LEU A 647 -3.26 -18.32 19.57
C LEU A 647 -2.35 -19.52 19.28
N ALA A 648 -2.39 -19.96 18.04
CA ALA A 648 -1.75 -21.16 17.56
C ALA A 648 -0.75 -20.88 16.48
N ARG A 649 0.32 -21.68 16.48
CA ARG A 649 1.41 -21.57 15.56
C ARG A 649 0.97 -21.90 14.18
N VAL A 650 1.47 -21.16 13.22
CA VAL A 650 1.16 -21.36 11.82
C VAL A 650 2.46 -21.62 11.06
N GLY A 651 3.63 -21.46 11.67
CA GLY A 651 4.89 -21.65 10.97
C GLY A 651 5.14 -20.49 10.01
N LYS A 652 5.98 -20.72 9.00
CA LYS A 652 6.35 -19.71 8.03
C LYS A 652 5.47 -19.87 6.84
N THR A 653 4.52 -19.02 6.66
CA THR A 653 3.54 -19.21 5.64
C THR A 653 3.21 -17.84 5.02
N THR A 654 2.32 -17.77 4.06
CA THR A 654 1.98 -16.52 3.46
C THR A 654 0.54 -16.44 3.58
N TYR A 655 -0.03 -15.31 3.23
CA TYR A 655 -1.46 -15.16 3.37
C TYR A 655 -2.18 -16.10 2.48
N GLU A 656 -1.64 -16.35 1.31
CA GLU A 656 -2.29 -17.23 0.36
C GLU A 656 -2.37 -18.65 0.83
N SER A 657 -1.30 -19.20 1.38
CA SER A 657 -1.40 -20.56 1.87
C SER A 657 -2.16 -20.63 3.16
N TYR A 658 -2.06 -19.61 3.99
CA TYR A 658 -2.84 -19.60 5.21
C TYR A 658 -4.33 -19.64 4.86
N LEU A 659 -4.79 -18.77 3.97
CA LEU A 659 -6.22 -18.64 3.78
C LEU A 659 -6.79 -19.83 2.99
N GLY A 660 -6.02 -20.33 2.06
CA GLY A 660 -6.43 -21.48 1.28
C GLY A 660 -6.97 -21.05 -0.06
N ALA A 661 -6.73 -21.92 -1.05
CA ALA A 661 -7.12 -21.67 -2.41
C ALA A 661 -8.60 -21.52 -2.58
N ASP A 662 -9.40 -22.25 -1.79
CA ASP A 662 -10.83 -22.12 -1.87
C ASP A 662 -11.31 -20.70 -1.47
N TYR A 663 -10.72 -20.16 -0.41
CA TYR A 663 -11.10 -18.82 0.06
C TYR A 663 -10.54 -17.76 -0.88
N ILE A 664 -9.28 -17.92 -1.34
CA ILE A 664 -8.69 -16.99 -2.29
C ILE A 664 -9.53 -16.90 -3.55
N THR A 665 -9.98 -18.06 -4.02
CA THR A 665 -10.85 -18.07 -5.19
C THR A 665 -12.11 -17.27 -5.01
N ALA A 666 -12.77 -17.50 -3.89
CA ALA A 666 -14.01 -16.76 -3.56
C ALA A 666 -13.84 -15.26 -3.49
N VAL A 667 -12.73 -14.83 -2.90
CA VAL A 667 -12.54 -13.40 -2.71
C VAL A 667 -12.16 -12.71 -4.00
N ALA A 668 -11.31 -13.34 -4.78
CA ALA A 668 -10.86 -12.78 -6.03
C ALA A 668 -12.04 -12.71 -6.99
N ASN A 669 -13.00 -13.58 -6.79
CA ASN A 669 -14.19 -13.59 -7.61
C ASN A 669 -14.92 -12.30 -7.44
N LEU A 670 -14.81 -11.69 -6.27
CA LEU A 670 -15.50 -10.44 -6.04
C LEU A 670 -14.72 -9.16 -6.29
N ARG A 671 -13.52 -9.29 -6.83
CA ARG A 671 -12.66 -8.13 -6.99
C ARG A 671 -13.29 -6.99 -7.75
N LYS A 672 -14.11 -7.27 -8.76
CA LYS A 672 -14.82 -6.23 -9.49
C LYS A 672 -15.75 -5.38 -8.62
N CYS A 673 -16.31 -5.98 -7.59
CA CYS A 673 -17.20 -5.24 -6.72
C CYS A 673 -16.47 -4.53 -5.54
N SER A 674 -15.15 -4.64 -5.44
CA SER A 674 -14.51 -4.16 -4.22
C SER A 674 -14.61 -2.67 -4.09
N THR A 675 -14.86 -2.17 -2.91
CA THR A 675 -14.82 -0.73 -2.67
C THR A 675 -13.72 -0.36 -1.67
N SER A 676 -12.83 -1.28 -1.31
CA SER A 676 -11.79 -0.97 -0.38
C SER A 676 -10.71 -0.07 -1.00
N LYS A 677 -10.51 1.07 -0.36
CA LYS A 677 -9.51 2.05 -0.76
C LYS A 677 -8.09 1.55 -0.45
N LEU A 678 -7.96 0.80 0.60
CA LEU A 678 -6.67 0.20 0.93
C LEU A 678 -6.29 -0.83 -0.09
N LEU A 679 -7.26 -1.65 -0.50
CA LEU A 679 -6.96 -2.70 -1.45
C LEU A 679 -6.45 -2.07 -2.78
N GLU A 680 -7.13 -0.99 -3.15
CA GLU A 680 -6.81 -0.22 -4.32
C GLU A 680 -5.40 0.33 -4.23
N ALA A 681 -5.04 0.91 -3.08
CA ALA A 681 -3.64 1.33 -2.94
C ALA A 681 -2.63 0.20 -2.95
N CYS A 682 -2.95 -0.93 -2.29
CA CYS A 682 -1.98 -2.00 -2.24
C CYS A 682 -1.86 -2.84 -3.49
N THR A 683 -2.75 -2.67 -4.47
CA THR A 683 -2.55 -3.40 -5.70
C THR A 683 -2.21 -2.48 -6.87
N PHE A 684 -1.83 -1.24 -6.59
CA PHE A 684 -1.54 -0.27 -7.63
C PHE A 684 -0.32 -0.66 -8.40
N HIS A 685 0.76 -0.96 -7.70
CA HIS A 685 2.03 -1.31 -8.35
C HIS A 685 2.06 -2.65 -9.10
N SER A 686 2.76 -2.65 -10.22
CA SER A 686 3.04 -3.83 -10.97
C SER A 686 4.14 -4.62 -10.25
N ALA A 687 4.27 -5.89 -10.56
CA ALA A 687 5.39 -6.73 -10.11
C ALA A 687 5.91 -6.48 -8.75
C CO3 B . 17.22 8.30 -11.39
O1 CO3 B . 18.50 8.42 -11.10
O2 CO3 B . 16.64 7.15 -11.20
O3 CO3 B . 16.51 9.31 -11.88
C CO3 C . -16.51 -12.37 9.90
O1 CO3 C . -16.38 -13.61 9.45
O2 CO3 C . -17.46 -11.67 9.47
O3 CO3 C . -15.65 -11.87 10.70
FE FE D . 14.81 7.93 -11.78
FE FE E . -14.75 -13.72 10.75
C1 NAG F . -24.91 9.26 -2.58
C2 NAG F . -25.29 10.11 -3.85
C3 NAG F . -24.20 9.93 -4.90
C4 NAG F . -22.95 10.60 -4.35
C5 NAG F . -22.52 9.83 -3.09
C6 NAG F . -21.32 10.55 -2.44
C7 NAG F . -27.09 8.69 -4.77
C8 NAG F . -27.25 8.31 -6.22
N2 NAG F . -26.62 9.91 -4.46
O3 NAG F . -24.55 10.46 -6.16
O4 NAG F . -21.93 10.53 -5.32
O5 NAG F . -23.59 9.68 -2.17
O6 NAG F . -20.64 9.79 -1.47
O7 NAG F . -27.40 7.88 -3.91
#